data_6MK6
#
_entry.id   6MK6
#
_cell.length_a   209.930
_cell.length_b   46.650
_cell.length_c   113.610
_cell.angle_alpha   90.00
_cell.angle_beta   99.28
_cell.angle_gamma   90.00
#
_symmetry.space_group_name_H-M   'C 1 2 1'
#
loop_
_entity.id
_entity.type
_entity.pdbx_description
1 polymer Beta-lactamase
2 water water
#
_entity_poly.entity_id   1
_entity_poly.type   'polypeptide(L)'
_entity_poly.pdbx_seq_one_letter_code
;DEHNKNMADIEAAFEGRVGVYAINTGSGKAYSYRANERFPLCSSFKAFLAAAVLKMDQDSPGVLLEKVNYHNRTMEPHSP
ITEKFQSQGMAVGELAAATLQYSDNGAANLLMEKYIKGPEGMTQFMNSIGDTKFRLDRWELDLNSAIPGDERDTSTPKAV
AESLNKLISNTVLDNYHQEIFKKWMIGNTTGDNRIRAAVPDGWVVGDKTGTCGKYGTANDHAFILQGNNAAPLILSIYTT
RKGEHMKHDDEVIAKAARIAIENVK
;
_entity_poly.pdbx_strand_id   A,B,C,D
#
# COMPACT_ATOMS: atom_id res chain seq x y z
N ASN A 4 -1.60 -33.35 11.89
CA ASN A 4 -0.49 -33.06 10.98
C ASN A 4 0.00 -34.34 10.25
N LYS A 5 -0.54 -35.49 10.67
CA LYS A 5 -0.13 -36.76 10.08
C LYS A 5 -0.38 -36.78 8.58
N ASN A 6 -1.54 -36.26 8.16
CA ASN A 6 -1.89 -36.29 6.75
C ASN A 6 -0.82 -35.64 5.89
N MET A 7 -0.45 -34.40 6.22
CA MET A 7 0.45 -33.65 5.34
C MET A 7 1.87 -34.18 5.40
N ALA A 8 2.33 -34.58 6.59
CA ALA A 8 3.65 -35.16 6.69
C ALA A 8 3.77 -36.43 5.85
N ASP A 9 2.72 -37.25 5.83
CA ASP A 9 2.75 -38.49 5.07
C ASP A 9 2.74 -38.22 3.59
N ILE A 10 1.97 -37.20 3.17
CA ILE A 10 1.95 -36.81 1.76
C ILE A 10 3.34 -36.36 1.32
N GLU A 11 3.98 -35.51 2.13
CA GLU A 11 5.29 -35.01 1.79
C GLU A 11 6.32 -36.14 1.72
N ALA A 12 6.27 -37.08 2.65
CA ALA A 12 7.26 -38.14 2.65
C ALA A 12 7.13 -39.00 1.41
N ALA A 13 5.90 -39.33 1.04
CA ALA A 13 5.70 -40.20 -0.11
C ALA A 13 6.04 -39.49 -1.40
N PHE A 14 5.91 -38.15 -1.41
CA PHE A 14 6.30 -37.33 -2.56
C PHE A 14 7.81 -37.29 -2.73
N GLU A 15 8.56 -37.59 -1.66
CA GLU A 15 10.01 -37.48 -1.71
C GLU A 15 10.43 -36.09 -2.16
N GLY A 16 9.97 -35.11 -1.40
CA GLY A 16 10.27 -33.74 -1.70
C GLY A 16 9.78 -32.84 -0.57
N ARG A 17 9.69 -31.55 -0.88
CA ARG A 17 9.26 -30.51 0.04
C ARG A 17 7.90 -29.96 -0.40
N VAL A 18 6.95 -29.86 0.53
CA VAL A 18 5.63 -29.29 0.30
C VAL A 18 5.44 -28.11 1.26
N GLY A 19 5.07 -26.96 0.71
CA GLY A 19 4.81 -25.79 1.52
C GLY A 19 3.39 -25.29 1.26
N VAL A 20 2.65 -25.05 2.33
CA VAL A 20 1.26 -24.64 2.26
C VAL A 20 1.04 -23.46 3.19
N TYR A 21 0.33 -22.45 2.70
CA TYR A 21 -0.31 -21.46 3.56
C TYR A 21 -1.73 -21.28 3.09
N ALA A 22 -2.67 -21.30 4.04
CA ALA A 22 -4.04 -20.97 3.70
C ALA A 22 -4.62 -20.08 4.79
N ILE A 23 -5.53 -19.20 4.40
CA ILE A 23 -6.22 -18.36 5.38
C ILE A 23 -7.65 -18.10 4.92
N ASN A 24 -8.57 -18.19 5.87
CA ASN A 24 -9.95 -17.76 5.71
C ASN A 24 -10.00 -16.27 6.07
N THR A 25 -10.18 -15.41 5.05
CA THR A 25 -10.06 -13.99 5.34
C THR A 25 -11.30 -13.41 6.00
N GLY A 26 -12.34 -14.22 6.17
CA GLY A 26 -13.46 -13.83 7.03
C GLY A 26 -13.18 -14.07 8.50
N SER A 27 -12.81 -15.30 8.84
CA SER A 27 -12.60 -15.70 10.23
C SER A 27 -11.17 -15.50 10.71
N GLY A 28 -10.21 -15.40 9.81
CA GLY A 28 -8.82 -15.33 10.19
C GLY A 28 -8.17 -16.68 10.41
N LYS A 29 -8.92 -17.77 10.33
CA LYS A 29 -8.37 -19.11 10.56
C LYS A 29 -7.34 -19.40 9.47
N ALA A 30 -6.13 -19.78 9.90
CA ALA A 30 -5.01 -20.00 8.99
C ALA A 30 -4.44 -21.40 9.18
N TYR A 31 -3.76 -21.86 8.14
CA TYR A 31 -3.07 -23.14 8.18
C TYR A 31 -1.71 -22.98 7.53
N SER A 32 -0.68 -23.52 8.19
CA SER A 32 0.71 -23.34 7.77
C SER A 32 1.42 -24.67 7.78
N TYR A 33 2.09 -24.99 6.68
CA TYR A 33 3.02 -26.13 6.62
C TYR A 33 4.22 -25.69 5.80
N ARG A 34 5.35 -25.47 6.47
CA ARG A 34 6.50 -24.87 5.81
C ARG A 34 6.14 -23.56 5.12
N ALA A 35 5.21 -22.80 5.73
CA ALA A 35 4.65 -21.62 5.07
C ALA A 35 5.66 -20.51 4.87
N ASN A 36 6.72 -20.45 5.69
CA ASN A 36 7.73 -19.41 5.58
C ASN A 36 9.03 -19.91 4.99
N GLU A 37 9.04 -21.12 4.41
CA GLU A 37 10.18 -21.58 3.63
C GLU A 37 10.10 -21.10 2.19
N ARG A 38 11.26 -20.95 1.56
CA ARG A 38 11.33 -20.52 0.17
C ARG A 38 11.20 -21.69 -0.79
N PHE A 39 10.49 -21.42 -1.88
CA PHE A 39 10.26 -22.32 -3.00
C PHE A 39 10.37 -21.52 -4.28
N PRO A 40 10.73 -22.16 -5.40
CA PRO A 40 10.78 -21.44 -6.67
C PRO A 40 9.40 -20.98 -7.09
N LEU A 41 9.34 -19.77 -7.62
CA LEU A 41 8.10 -19.20 -8.12
C LEU A 41 7.61 -19.91 -9.39
N CYS A 42 8.53 -20.21 -10.30
CA CYS A 42 8.15 -20.68 -11.64
C CYS A 42 7.17 -19.65 -12.20
N SER A 43 6.16 -20.09 -12.96
CA SER A 43 5.29 -19.12 -13.62
C SER A 43 4.32 -18.44 -12.68
N SER A 44 4.32 -18.76 -11.40
CA SER A 44 3.29 -18.21 -10.54
C SER A 44 3.40 -16.71 -10.38
N PHE A 45 4.58 -16.11 -10.65
CA PHE A 45 4.72 -14.66 -10.60
C PHE A 45 3.88 -13.96 -11.65
N LYS A 46 3.46 -14.68 -12.70
CA LYS A 46 2.80 -14.01 -13.80
C LYS A 46 1.46 -13.43 -13.39
N ALA A 47 0.82 -14.00 -12.35
CA ALA A 47 -0.39 -13.39 -11.82
C ALA A 47 -0.09 -12.01 -11.25
N PHE A 48 1.01 -11.90 -10.51
CA PHE A 48 1.42 -10.62 -9.95
C PHE A 48 1.87 -9.66 -11.03
N LEU A 49 2.51 -10.16 -12.10
CA LEU A 49 2.87 -9.30 -13.21
C LEU A 49 1.64 -8.67 -13.82
N ALA A 50 0.59 -9.47 -14.00
CA ALA A 50 -0.65 -8.95 -14.55
C ALA A 50 -1.23 -7.90 -13.64
N ALA A 51 -1.16 -8.11 -12.32
CA ALA A 51 -1.66 -7.13 -11.36
C ALA A 51 -0.84 -5.85 -11.40
N ALA A 52 0.48 -5.97 -11.58
CA ALA A 52 1.32 -4.79 -11.69
C ALA A 52 0.97 -3.98 -12.94
N VAL A 53 0.61 -4.66 -14.03
CA VAL A 53 0.17 -3.98 -15.25
C VAL A 53 -1.16 -3.27 -15.02
N LEU A 54 -2.10 -3.94 -14.36
CA LEU A 54 -3.35 -3.29 -13.97
C LEU A 54 -3.09 -2.03 -13.14
N LYS A 55 -2.16 -2.11 -12.19
CA LYS A 55 -1.82 -0.93 -11.41
C LYS A 55 -1.27 0.20 -12.28
N MET A 56 -0.43 -0.12 -13.28
CA MET A 56 0.03 0.91 -14.20
C MET A 56 -1.15 1.58 -14.91
N ASP A 57 -2.17 0.80 -15.27
CA ASP A 57 -3.34 1.34 -15.93
C ASP A 57 -4.19 2.17 -14.97
N GLN A 58 -4.23 1.78 -13.71
CA GLN A 58 -4.98 2.55 -12.73
C GLN A 58 -4.33 3.91 -12.52
N ASP A 59 -3.00 3.95 -12.58
CA ASP A 59 -2.24 5.19 -12.47
C ASP A 59 -2.36 6.03 -13.72
N SER A 60 -2.55 5.37 -14.87
CA SER A 60 -2.55 6.04 -16.16
C SER A 60 -3.59 5.37 -17.04
N PRO A 61 -4.86 5.75 -16.91
CA PRO A 61 -5.92 5.03 -17.64
C PRO A 61 -5.62 4.95 -19.14
N GLY A 62 -5.76 3.75 -19.69
CA GLY A 62 -5.55 3.50 -21.09
C GLY A 62 -4.36 2.63 -21.39
N VAL A 63 -3.47 2.43 -20.42
CA VAL A 63 -2.34 1.54 -20.62
C VAL A 63 -2.78 0.18 -21.17
N LEU A 64 -3.88 -0.37 -20.63
CA LEU A 64 -4.32 -1.70 -21.02
C LEU A 64 -4.62 -1.79 -22.50
N LEU A 65 -5.03 -0.69 -23.10
CA LEU A 65 -5.42 -0.70 -24.50
C LEU A 65 -4.29 -0.32 -25.45
N GLU A 66 -3.10 -0.04 -24.95
CA GLU A 66 -1.96 0.28 -25.82
C GLU A 66 -1.53 -0.93 -26.63
N LYS A 67 -1.21 -0.72 -27.91
CA LYS A 67 -0.74 -1.80 -28.76
C LYS A 67 0.73 -2.08 -28.50
N VAL A 68 1.07 -3.36 -28.44
CA VAL A 68 2.45 -3.82 -28.36
C VAL A 68 2.79 -4.57 -29.63
N ASN A 69 3.79 -4.07 -30.35
CA ASN A 69 4.24 -4.67 -31.59
C ASN A 69 5.54 -5.43 -31.33
N TYR A 70 5.63 -6.62 -31.91
CA TYR A 70 6.81 -7.45 -31.73
C TYR A 70 7.01 -8.34 -32.97
N HIS A 71 6.92 -7.74 -34.16
CA HIS A 71 6.83 -8.53 -35.40
C HIS A 71 8.01 -9.47 -35.58
N ASN A 72 9.22 -8.99 -35.31
CA ASN A 72 10.43 -9.72 -35.62
C ASN A 72 10.98 -10.47 -34.43
N ARG A 73 10.26 -10.46 -33.31
CA ARG A 73 10.77 -11.09 -32.11
C ARG A 73 10.89 -12.59 -32.29
N THR A 74 11.98 -13.15 -31.78
CA THR A 74 12.08 -14.59 -31.56
C THR A 74 11.22 -14.98 -30.36
N MET A 75 10.17 -15.76 -30.58
CA MET A 75 9.20 -16.02 -29.52
C MET A 75 9.71 -17.10 -28.58
N GLU A 76 9.61 -16.84 -27.28
CA GLU A 76 9.98 -17.84 -26.29
C GLU A 76 9.13 -19.09 -26.41
N PRO A 77 9.70 -20.26 -26.11
CA PRO A 77 8.86 -21.47 -25.96
C PRO A 77 7.67 -21.20 -25.04
N HIS A 78 6.55 -21.83 -25.36
CA HIS A 78 5.32 -21.79 -24.57
C HIS A 78 4.78 -20.36 -24.49
N SER A 79 4.52 -19.85 -25.69
CA SER A 79 3.95 -18.53 -25.94
C SER A 79 2.75 -18.72 -26.88
N PRO A 80 1.76 -19.50 -26.45
CA PRO A 80 0.68 -19.90 -27.37
C PRO A 80 -0.09 -18.72 -27.91
N ILE A 81 -0.34 -17.72 -27.06
CA ILE A 81 -1.13 -16.58 -27.49
C ILE A 81 -0.28 -15.57 -28.23
N THR A 82 0.87 -15.18 -27.67
CA THR A 82 1.67 -14.16 -28.34
C THR A 82 2.19 -14.67 -29.68
N GLU A 83 2.46 -15.96 -29.81
CA GLU A 83 2.87 -16.48 -31.11
C GLU A 83 1.72 -16.40 -32.11
N LYS A 84 0.50 -16.68 -31.65
CA LYS A 84 -0.66 -16.65 -32.54
C LYS A 84 -0.91 -15.25 -33.11
N PHE A 85 -0.67 -14.20 -32.32
CA PHE A 85 -1.01 -12.84 -32.73
C PHE A 85 0.21 -11.99 -33.09
N GLN A 86 1.36 -12.62 -33.31
CA GLN A 86 2.57 -11.85 -33.59
C GLN A 86 2.42 -10.95 -34.82
N SER A 87 1.59 -11.35 -35.77
CA SER A 87 1.52 -10.58 -37.02
C SER A 87 1.01 -9.17 -36.79
N GLN A 88 -0.01 -9.00 -35.95
CA GLN A 88 -0.64 -7.69 -35.79
C GLN A 88 -0.51 -7.13 -34.38
N GLY A 89 0.29 -7.76 -33.54
CA GLY A 89 0.50 -7.23 -32.21
C GLY A 89 -0.65 -7.57 -31.29
N MET A 90 -0.50 -7.13 -30.04
CA MET A 90 -1.47 -7.40 -28.99
C MET A 90 -1.55 -6.19 -28.07
N ALA A 91 -2.73 -5.99 -27.50
CA ALA A 91 -2.91 -4.92 -26.53
C ALA A 91 -2.29 -5.35 -25.20
N VAL A 92 -1.84 -4.36 -24.43
CA VAL A 92 -1.21 -4.64 -23.13
C VAL A 92 -2.09 -5.55 -22.28
N GLY A 93 -3.38 -5.24 -22.18
CA GLY A 93 -4.28 -6.06 -21.40
C GLY A 93 -4.42 -7.49 -21.91
N GLU A 94 -4.33 -7.64 -23.23
CA GLU A 94 -4.34 -8.98 -23.81
C GLU A 94 -3.10 -9.76 -23.42
N LEU A 95 -1.95 -9.08 -23.38
CA LEU A 95 -0.72 -9.72 -22.92
C LEU A 95 -0.84 -10.14 -21.46
N ALA A 96 -1.39 -9.27 -20.63
CA ALA A 96 -1.56 -9.59 -19.20
C ALA A 96 -2.49 -10.78 -19.01
N ALA A 97 -3.61 -10.79 -19.72
CA ALA A 97 -4.50 -11.94 -19.63
C ALA A 97 -3.80 -13.21 -20.09
N ALA A 98 -3.03 -13.12 -21.18
CA ALA A 98 -2.38 -14.29 -21.74
C ALA A 98 -1.28 -14.82 -20.81
N THR A 99 -0.50 -13.93 -20.22
CA THR A 99 0.55 -14.42 -19.34
C THR A 99 -0.04 -15.06 -18.09
N LEU A 100 -1.18 -14.56 -17.60
CA LEU A 100 -1.81 -15.20 -16.46
C LEU A 100 -2.52 -16.49 -16.87
N GLN A 101 -3.43 -16.40 -17.86
CA GLN A 101 -4.35 -17.49 -18.09
C GLN A 101 -3.73 -18.62 -18.88
N TYR A 102 -2.73 -18.34 -19.70
CA TYR A 102 -2.03 -19.37 -20.45
C TYR A 102 -0.56 -19.47 -20.08
N SER A 103 -0.12 -18.74 -19.06
CA SER A 103 1.28 -18.77 -18.66
C SER A 103 2.21 -18.40 -19.81
N ASP A 104 1.75 -17.55 -20.70
CA ASP A 104 2.47 -17.19 -21.91
C ASP A 104 3.79 -16.52 -21.59
N ASN A 105 4.90 -17.12 -22.05
CA ASN A 105 6.23 -16.58 -21.72
C ASN A 105 6.57 -15.34 -22.50
N GLY A 106 6.30 -15.34 -23.81
CA GLY A 106 6.50 -14.13 -24.58
C GLY A 106 5.80 -12.94 -23.95
N ALA A 107 4.57 -13.15 -23.47
CA ALA A 107 3.81 -12.05 -22.93
C ALA A 107 4.47 -11.53 -21.66
N ALA A 108 4.96 -12.44 -20.81
CA ALA A 108 5.65 -12.03 -19.59
C ALA A 108 6.88 -11.19 -19.90
N ASN A 109 7.73 -11.68 -20.79
CA ASN A 109 8.94 -10.92 -21.12
C ASN A 109 8.60 -9.62 -21.84
N LEU A 110 7.60 -9.61 -22.73
CA LEU A 110 7.21 -8.35 -23.35
C LEU A 110 6.77 -7.33 -22.32
N LEU A 111 5.95 -7.75 -21.35
CA LEU A 111 5.48 -6.82 -20.33
C LEU A 111 6.61 -6.32 -19.44
N MET A 112 7.62 -7.15 -19.18
CA MET A 112 8.74 -6.72 -18.36
C MET A 112 9.80 -5.97 -19.17
N GLU A 113 9.79 -6.10 -20.50
CA GLU A 113 10.65 -5.25 -21.34
C GLU A 113 10.08 -3.84 -21.49
N LYS A 114 8.76 -3.71 -21.59
CA LYS A 114 8.16 -2.49 -22.09
C LYS A 114 7.34 -1.72 -21.06
N TYR A 115 6.94 -2.36 -19.96
CA TYR A 115 6.07 -1.71 -18.98
C TYR A 115 6.57 -1.83 -17.56
N ILE A 116 6.92 -3.03 -17.10
CA ILE A 116 7.22 -3.20 -15.67
C ILE A 116 8.68 -2.95 -15.27
N LYS A 117 9.62 -2.88 -16.20
CA LYS A 117 11.03 -2.58 -15.87
C LYS A 117 11.71 -3.83 -15.30
N GLY A 118 11.48 -4.97 -15.94
CA GLY A 118 12.25 -6.15 -15.73
C GLY A 118 11.91 -6.85 -14.43
N PRO A 119 12.63 -7.95 -14.17
CA PRO A 119 12.44 -8.65 -12.90
C PRO A 119 12.65 -7.78 -11.70
N GLU A 120 13.54 -6.78 -11.78
CA GLU A 120 13.68 -5.85 -10.67
C GLU A 120 12.42 -5.01 -10.49
N GLY A 121 11.81 -4.57 -11.59
CA GLY A 121 10.57 -3.84 -11.46
C GLY A 121 9.46 -4.69 -10.89
N MET A 122 9.41 -5.97 -11.28
CA MET A 122 8.43 -6.90 -10.73
C MET A 122 8.62 -7.04 -9.23
N THR A 123 9.85 -7.25 -8.80
CA THR A 123 10.18 -7.29 -7.38
C THR A 123 9.78 -5.98 -6.69
N GLN A 124 10.00 -4.83 -7.33
CA GLN A 124 9.65 -3.55 -6.71
C GLN A 124 8.14 -3.44 -6.51
N PHE A 125 7.34 -3.94 -7.46
CA PHE A 125 5.90 -3.94 -7.26
C PHE A 125 5.53 -4.71 -6.02
N MET A 126 6.07 -5.92 -5.88
CA MET A 126 5.77 -6.75 -4.71
C MET A 126 6.24 -6.08 -3.43
N ASN A 127 7.40 -5.43 -3.45
CA ASN A 127 7.83 -4.64 -2.30
C ASN A 127 6.82 -3.54 -1.96
N SER A 128 6.23 -2.93 -2.98
CA SER A 128 5.27 -1.83 -2.84
C SER A 128 3.97 -2.25 -2.16
N ILE A 129 3.65 -3.54 -2.12
CA ILE A 129 2.49 -4.01 -1.40
C ILE A 129 2.89 -4.71 -0.11
N GLY A 130 4.13 -4.55 0.31
CA GLY A 130 4.53 -5.03 1.61
C GLY A 130 5.04 -6.44 1.64
N ASP A 131 5.34 -7.03 0.47
CA ASP A 131 5.85 -8.39 0.39
C ASP A 131 7.37 -8.34 0.52
N THR A 132 7.88 -8.84 1.64
CA THR A 132 9.31 -8.80 1.89
C THR A 132 10.04 -10.07 1.47
N LYS A 133 9.34 -11.04 0.88
CA LYS A 133 9.92 -12.33 0.55
C LYS A 133 10.09 -12.54 -0.94
N PHE A 134 9.17 -12.01 -1.74
CA PHE A 134 9.21 -12.20 -3.17
C PHE A 134 10.50 -11.64 -3.75
N ARG A 135 11.14 -12.42 -4.62
CA ARG A 135 12.22 -11.91 -5.44
C ARG A 135 12.16 -12.58 -6.80
N LEU A 136 12.05 -11.77 -7.83
CA LEU A 136 12.26 -12.23 -9.19
C LEU A 136 13.57 -11.64 -9.68
N ASP A 137 14.46 -12.52 -10.10
CA ASP A 137 15.82 -12.18 -10.47
C ASP A 137 16.10 -12.33 -11.95
N ARG A 138 15.43 -13.26 -12.61
CA ARG A 138 15.73 -13.55 -14.00
C ARG A 138 14.47 -13.52 -14.85
N TRP A 139 14.69 -13.54 -16.15
CA TRP A 139 13.63 -13.53 -17.15
C TRP A 139 13.17 -14.95 -17.47
N GLU A 140 12.07 -15.05 -18.22
CA GLU A 140 11.69 -16.33 -18.79
C GLU A 140 12.68 -16.66 -19.90
N LEU A 141 13.13 -17.93 -19.98
CA LEU A 141 12.78 -19.06 -19.13
C LEU A 141 13.87 -19.43 -18.11
N ASP A 142 14.87 -18.56 -17.96
CA ASP A 142 15.97 -18.86 -17.06
C ASP A 142 15.52 -18.98 -15.62
N LEU A 143 14.49 -18.23 -15.22
CA LEU A 143 14.04 -18.24 -13.83
C LEU A 143 13.50 -19.60 -13.39
N ASN A 144 13.39 -20.57 -14.28
CA ASN A 144 12.81 -21.85 -13.94
C ASN A 144 13.84 -22.90 -13.51
N SER A 145 15.12 -22.51 -13.33
CA SER A 145 16.14 -23.52 -13.08
C SER A 145 15.90 -24.32 -11.80
N ALA A 146 15.31 -23.69 -10.76
CA ALA A 146 14.78 -24.41 -9.61
C ALA A 146 15.87 -25.20 -8.88
N ILE A 147 17.07 -24.63 -8.82
CA ILE A 147 18.23 -25.33 -8.26
C ILE A 147 18.11 -25.34 -6.74
N PRO A 148 18.20 -26.51 -6.10
CA PRO A 148 18.07 -26.54 -4.64
C PRO A 148 19.01 -25.56 -3.97
N GLY A 149 18.49 -24.83 -2.98
CA GLY A 149 19.27 -23.88 -2.21
C GLY A 149 19.42 -22.51 -2.84
N ASP A 150 19.10 -22.38 -4.11
CA ASP A 150 19.17 -21.10 -4.80
C ASP A 150 17.93 -20.29 -4.42
N GLU A 151 18.13 -19.09 -3.87
CA GLU A 151 16.99 -18.24 -3.52
C GLU A 151 16.56 -17.31 -4.64
N ARG A 152 17.25 -17.31 -5.77
CA ARG A 152 16.77 -16.53 -6.91
C ARG A 152 15.38 -17.01 -7.31
N ASP A 153 14.53 -16.07 -7.70
CA ASP A 153 13.23 -16.37 -8.28
C ASP A 153 12.41 -17.25 -7.35
N THR A 154 12.39 -16.87 -6.06
CA THR A 154 11.65 -17.59 -5.03
C THR A 154 10.74 -16.63 -4.28
N SER A 155 9.81 -17.23 -3.54
CA SER A 155 9.09 -16.58 -2.46
C SER A 155 8.67 -17.64 -1.47
N THR A 156 7.78 -17.29 -0.55
CA THR A 156 7.26 -18.26 0.39
C THR A 156 5.77 -18.47 0.15
N PRO A 157 5.22 -19.62 0.54
CA PRO A 157 3.77 -19.82 0.37
C PRO A 157 2.95 -18.74 1.05
N LYS A 158 3.35 -18.37 2.26
CA LYS A 158 2.59 -17.34 2.99
C LYS A 158 2.64 -15.99 2.29
N ALA A 159 3.82 -15.56 1.82
CA ALA A 159 3.92 -14.27 1.16
C ALA A 159 3.09 -14.23 -0.11
N VAL A 160 3.09 -15.32 -0.87
CA VAL A 160 2.26 -15.37 -2.07
C VAL A 160 0.79 -15.22 -1.70
N ALA A 161 0.34 -15.98 -0.71
CA ALA A 161 -1.04 -15.86 -0.23
C ALA A 161 -1.36 -14.44 0.22
N GLU A 162 -0.49 -13.86 1.05
CA GLU A 162 -0.77 -12.54 1.60
C GLU A 162 -0.83 -11.49 0.50
N SER A 163 0.04 -11.61 -0.50
CA SER A 163 0.05 -10.64 -1.58
C SER A 163 -1.17 -10.80 -2.47
N LEU A 164 -1.57 -12.04 -2.74
CA LEU A 164 -2.80 -12.26 -3.49
C LEU A 164 -3.99 -11.63 -2.77
N ASN A 165 -4.08 -11.84 -1.46
CA ASN A 165 -5.18 -11.25 -0.70
C ASN A 165 -5.18 -9.73 -0.77
N LYS A 166 -4.01 -9.10 -0.69
CA LYS A 166 -3.94 -7.64 -0.83
C LYS A 166 -4.50 -7.17 -2.16
N LEU A 167 -4.27 -7.95 -3.22
CA LEU A 167 -4.72 -7.51 -4.53
C LEU A 167 -6.22 -7.60 -4.71
N ILE A 168 -6.93 -8.28 -3.82
CA ILE A 168 -8.37 -8.41 -3.95
C ILE A 168 -9.12 -7.86 -2.75
N SER A 169 -8.44 -7.16 -1.84
CA SER A 169 -9.07 -6.67 -0.63
C SER A 169 -8.86 -5.17 -0.46
N ASN A 170 -8.85 -4.43 -1.57
CA ASN A 170 -8.82 -2.97 -1.52
C ASN A 170 -7.56 -2.43 -0.84
N THR A 171 -6.41 -2.74 -1.44
CA THR A 171 -5.17 -2.07 -1.08
C THR A 171 -4.76 -1.26 -2.29
N VAL A 172 -4.01 -1.82 -3.25
CA VAL A 172 -3.41 -0.99 -4.28
C VAL A 172 -4.21 -1.01 -5.56
N LEU A 173 -5.18 -1.91 -5.70
CA LEU A 173 -6.06 -1.95 -6.87
C LEU A 173 -7.45 -1.51 -6.49
N ASP A 174 -8.06 -0.65 -7.31
CA ASP A 174 -9.42 -0.21 -7.05
C ASP A 174 -10.41 -1.24 -7.57
N ASN A 175 -11.70 -1.00 -7.33
CA ASN A 175 -12.70 -1.99 -7.69
C ASN A 175 -12.63 -2.39 -9.16
N TYR A 176 -12.47 -1.42 -10.05
CA TYR A 176 -12.43 -1.74 -11.48
C TYR A 176 -11.28 -2.69 -11.79
N HIS A 177 -10.08 -2.39 -11.26
CA HIS A 177 -8.92 -3.20 -11.57
C HIS A 177 -8.92 -4.53 -10.82
N GLN A 178 -9.46 -4.55 -9.60
CA GLN A 178 -9.65 -5.82 -8.89
C GLN A 178 -10.60 -6.74 -9.64
N GLU A 179 -11.69 -6.18 -10.18
CA GLU A 179 -12.63 -7.03 -10.90
C GLU A 179 -12.00 -7.66 -12.14
N ILE A 180 -11.19 -6.90 -12.89
CA ILE A 180 -10.50 -7.47 -14.05
C ILE A 180 -9.51 -8.53 -13.60
N PHE A 181 -8.71 -8.24 -12.57
CA PHE A 181 -7.79 -9.24 -12.03
C PHE A 181 -8.51 -10.53 -11.64
N LYS A 182 -9.62 -10.41 -10.91
CA LYS A 182 -10.34 -11.59 -10.48
C LYS A 182 -10.89 -12.36 -11.66
N LYS A 183 -11.38 -11.64 -12.68
CA LYS A 183 -11.89 -12.30 -13.87
C LYS A 183 -10.79 -13.13 -14.54
N TRP A 184 -9.60 -12.53 -14.68
CA TRP A 184 -8.48 -13.25 -15.28
C TRP A 184 -8.15 -14.50 -14.48
N MET A 185 -8.03 -14.36 -13.17
CA MET A 185 -7.70 -15.53 -12.35
C MET A 185 -8.77 -16.61 -12.49
N ILE A 186 -10.04 -16.21 -12.46
CA ILE A 186 -11.12 -17.18 -12.56
C ILE A 186 -11.05 -17.91 -13.89
N GLY A 187 -10.58 -17.24 -14.93
CA GLY A 187 -10.48 -17.78 -16.26
C GLY A 187 -9.19 -18.51 -16.56
N ASN A 188 -8.32 -18.68 -15.56
CA ASN A 188 -7.09 -19.43 -15.77
C ASN A 188 -7.39 -20.82 -16.31
N THR A 189 -6.55 -21.27 -17.24
CA THR A 189 -6.80 -22.51 -17.96
C THR A 189 -5.92 -23.66 -17.51
N THR A 190 -4.92 -23.43 -16.64
CA THR A 190 -3.90 -24.44 -16.37
C THR A 190 -4.02 -25.09 -15.01
N GLY A 191 -5.04 -24.74 -14.21
CA GLY A 191 -5.13 -25.21 -12.86
C GLY A 191 -6.14 -26.29 -12.56
N ASP A 192 -6.74 -26.93 -13.58
CA ASP A 192 -7.85 -27.83 -13.31
C ASP A 192 -7.47 -29.00 -12.41
N ASN A 193 -6.21 -29.43 -12.40
CA ASN A 193 -5.78 -30.60 -11.66
C ASN A 193 -5.04 -30.28 -10.38
N ARG A 194 -5.05 -29.02 -9.95
CA ARG A 194 -4.36 -28.62 -8.73
C ARG A 194 -5.42 -28.14 -7.73
N ILE A 195 -5.37 -26.87 -7.30
CA ILE A 195 -6.28 -26.44 -6.25
C ILE A 195 -7.74 -26.67 -6.65
N ARG A 196 -8.08 -26.36 -7.90
CA ARG A 196 -9.45 -26.50 -8.37
C ARG A 196 -9.98 -27.92 -8.18
N ALA A 197 -9.10 -28.93 -8.25
CA ALA A 197 -9.56 -30.30 -8.12
C ALA A 197 -10.06 -30.62 -6.72
N ALA A 198 -9.72 -29.79 -5.75
CA ALA A 198 -10.12 -29.97 -4.36
C ALA A 198 -11.31 -29.11 -3.98
N VAL A 199 -11.79 -28.24 -4.87
CA VAL A 199 -12.76 -27.23 -4.46
C VAL A 199 -14.16 -27.76 -4.72
N PRO A 200 -15.08 -27.67 -3.76
CA PRO A 200 -16.45 -28.13 -4.01
C PRO A 200 -17.08 -27.47 -5.23
N ASP A 201 -17.99 -28.21 -5.88
CA ASP A 201 -18.82 -27.63 -6.92
C ASP A 201 -19.44 -26.32 -6.44
N GLY A 202 -19.51 -25.35 -7.35
CA GLY A 202 -20.16 -24.09 -7.08
C GLY A 202 -19.26 -23.03 -6.48
N TRP A 203 -18.21 -23.43 -5.75
CA TRP A 203 -17.28 -22.43 -5.22
C TRP A 203 -16.45 -21.88 -6.38
N VAL A 204 -16.41 -20.57 -6.51
CA VAL A 204 -15.67 -19.97 -7.61
C VAL A 204 -14.20 -19.93 -7.22
N VAL A 205 -13.32 -20.29 -8.15
CA VAL A 205 -11.88 -20.35 -7.93
C VAL A 205 -11.17 -19.50 -8.98
N GLY A 206 -10.26 -18.65 -8.53
CA GLY A 206 -9.30 -18.03 -9.44
C GLY A 206 -7.92 -18.48 -9.04
N ASP A 207 -7.07 -18.89 -9.98
CA ASP A 207 -5.76 -19.41 -9.57
C ASP A 207 -4.71 -19.08 -10.61
N LYS A 208 -3.45 -19.24 -10.21
CA LYS A 208 -2.34 -19.23 -11.15
C LYS A 208 -1.36 -20.31 -10.73
N THR A 209 -1.00 -21.15 -11.69
CA THR A 209 -0.06 -22.24 -11.49
C THR A 209 1.36 -21.81 -11.83
N GLY A 210 2.30 -22.64 -11.38
CA GLY A 210 3.66 -22.61 -11.87
C GLY A 210 4.24 -24.01 -11.97
N THR A 211 4.98 -24.25 -13.04
CA THR A 211 5.64 -25.54 -13.25
C THR A 211 7.02 -25.28 -13.85
N CYS A 212 8.07 -25.50 -13.06
CA CYS A 212 9.40 -25.12 -13.52
C CYS A 212 9.94 -26.09 -14.58
N GLY A 213 9.51 -27.34 -14.54
CA GLY A 213 10.07 -28.33 -15.44
C GLY A 213 11.41 -28.86 -15.00
N LYS A 214 11.81 -28.57 -13.76
CA LYS A 214 13.05 -29.04 -13.17
C LYS A 214 12.79 -29.34 -11.71
N TYR A 215 13.47 -30.36 -11.19
CA TYR A 215 13.46 -30.65 -9.77
C TYR A 215 12.04 -30.84 -9.24
N GLY A 216 11.17 -31.41 -10.06
CA GLY A 216 9.79 -31.70 -9.63
C GLY A 216 9.10 -30.50 -9.00
N THR A 217 9.35 -29.31 -9.53
CA THR A 217 8.95 -28.07 -8.87
C THR A 217 7.66 -27.54 -9.50
N ALA A 218 6.60 -27.46 -8.69
CA ALA A 218 5.31 -26.99 -9.20
C ALA A 218 4.50 -26.38 -8.06
N ASN A 219 3.54 -25.54 -8.41
CA ASN A 219 2.84 -24.79 -7.37
C ASN A 219 1.52 -24.29 -7.92
N ASP A 220 0.73 -23.72 -7.03
CA ASP A 220 -0.54 -23.12 -7.41
C ASP A 220 -0.95 -22.20 -6.26
N HIS A 221 -1.58 -21.10 -6.59
CA HIS A 221 -2.17 -20.26 -5.55
C HIS A 221 -3.51 -19.75 -6.06
N ALA A 222 -4.41 -19.48 -5.13
CA ALA A 222 -5.79 -19.26 -5.51
C ALA A 222 -6.56 -18.48 -4.47
N PHE A 223 -7.58 -17.76 -4.93
CA PHE A 223 -8.67 -17.37 -4.05
C PHE A 223 -9.88 -18.26 -4.34
N ILE A 224 -10.66 -18.52 -3.30
CA ILE A 224 -11.78 -19.46 -3.34
C ILE A 224 -12.96 -18.76 -2.69
N LEU A 225 -14.04 -18.60 -3.44
CA LEU A 225 -15.23 -17.88 -2.99
C LEU A 225 -16.29 -18.91 -2.67
N GLN A 226 -16.57 -19.10 -1.38
CA GLN A 226 -17.57 -20.10 -0.98
C GLN A 226 -18.96 -19.71 -1.40
N GLY A 227 -19.22 -18.42 -1.62
CA GLY A 227 -20.50 -17.96 -2.11
C GLY A 227 -21.17 -17.01 -1.13
N ASN A 228 -22.25 -16.42 -1.61
CA ASN A 228 -23.00 -15.45 -0.81
C ASN A 228 -22.09 -14.34 -0.32
N ASN A 229 -21.12 -13.97 -1.15
CA ASN A 229 -20.16 -12.90 -0.87
C ASN A 229 -19.43 -13.13 0.45
N ALA A 230 -19.27 -14.38 0.84
CA ALA A 230 -18.33 -14.74 1.89
C ALA A 230 -16.93 -14.25 1.54
N ALA A 231 -16.19 -13.84 2.56
CA ALA A 231 -14.80 -13.44 2.34
C ALA A 231 -14.03 -14.62 1.76
N PRO A 232 -13.09 -14.38 0.84
CA PRO A 232 -12.41 -15.49 0.18
C PRO A 232 -11.51 -16.27 1.12
N LEU A 233 -11.37 -17.56 0.81
CA LEU A 233 -10.24 -18.35 1.28
C LEU A 233 -9.07 -18.11 0.33
N ILE A 234 -7.86 -18.01 0.88
CA ILE A 234 -6.64 -17.91 0.07
C ILE A 234 -5.83 -19.18 0.33
N LEU A 235 -5.39 -19.82 -0.76
CA LEU A 235 -4.56 -21.01 -0.72
C LEU A 235 -3.30 -20.79 -1.53
N SER A 236 -2.18 -21.27 -1.01
CA SER A 236 -0.89 -21.11 -1.67
C SER A 236 -0.08 -22.37 -1.40
N ILE A 237 0.28 -23.12 -2.46
CA ILE A 237 0.87 -24.46 -2.34
C ILE A 237 2.08 -24.53 -3.28
N TYR A 238 3.26 -24.79 -2.72
CA TYR A 238 4.51 -24.87 -3.47
C TYR A 238 5.19 -26.20 -3.21
N THR A 239 5.82 -26.76 -4.25
CA THR A 239 6.52 -28.04 -4.06
C THR A 239 7.83 -28.01 -4.81
N THR A 240 8.77 -28.83 -4.33
CA THR A 240 9.99 -29.13 -5.08
C THR A 240 10.60 -30.44 -4.58
N ARG A 241 11.56 -30.96 -5.35
CA ARG A 241 12.22 -32.24 -5.07
C ARG A 241 13.73 -32.12 -5.28
N LYS A 242 14.46 -33.14 -4.80
CA LYS A 242 15.93 -33.04 -4.76
C LYS A 242 16.60 -33.30 -6.09
N GLY A 243 16.01 -34.12 -6.96
CA GLY A 243 16.65 -34.51 -8.23
C GLY A 243 16.16 -33.73 -9.43
N GLU A 244 17.11 -33.31 -10.28
CA GLU A 244 16.80 -32.45 -11.41
C GLU A 244 15.67 -33.02 -12.25
N HIS A 245 15.67 -34.33 -12.48
CA HIS A 245 14.74 -34.93 -13.44
C HIS A 245 13.54 -35.57 -12.77
N MET A 246 13.37 -35.37 -11.47
CA MET A 246 12.18 -35.86 -10.81
C MET A 246 10.97 -35.12 -11.35
N LYS A 247 9.84 -35.81 -11.46
CA LYS A 247 8.62 -35.17 -11.93
C LYS A 247 7.92 -34.49 -10.76
N HIS A 248 7.22 -33.42 -11.06
CA HIS A 248 6.29 -32.87 -10.08
C HIS A 248 5.04 -33.73 -10.05
N ASP A 249 4.13 -33.42 -9.12
CA ASP A 249 2.95 -34.24 -8.93
C ASP A 249 1.74 -33.36 -8.67
N ASP A 250 0.86 -33.24 -9.66
CA ASP A 250 -0.36 -32.47 -9.46
C ASP A 250 -1.20 -33.00 -8.32
N GLU A 251 -1.22 -34.33 -8.14
CA GLU A 251 -2.07 -34.93 -7.11
C GLU A 251 -1.62 -34.52 -5.71
N VAL A 252 -0.31 -34.36 -5.50
CA VAL A 252 0.18 -33.85 -4.22
C VAL A 252 -0.39 -32.47 -3.95
N ILE A 253 -0.39 -31.59 -4.96
CA ILE A 253 -0.91 -30.24 -4.74
C ILE A 253 -2.40 -30.30 -4.43
N ALA A 254 -3.15 -31.13 -5.17
CA ALA A 254 -4.58 -31.30 -4.89
C ALA A 254 -4.85 -31.85 -3.49
N LYS A 255 -4.05 -32.84 -3.06
CA LYS A 255 -4.23 -33.38 -1.73
C LYS A 255 -3.92 -32.34 -0.66
N ALA A 256 -2.85 -31.60 -0.83
CA ALA A 256 -2.52 -30.51 0.08
C ALA A 256 -3.66 -29.49 0.14
N ALA A 257 -4.24 -29.16 -1.01
CA ALA A 257 -5.34 -28.21 -1.05
C ALA A 257 -6.54 -28.71 -0.25
N ARG A 258 -6.85 -30.01 -0.36
CA ARG A 258 -7.97 -30.56 0.39
C ARG A 258 -7.77 -30.36 1.88
N ILE A 259 -6.55 -30.61 2.35
CA ILE A 259 -6.27 -30.47 3.76
C ILE A 259 -6.34 -29.00 4.17
N ALA A 260 -5.78 -28.11 3.36
CA ALA A 260 -5.80 -26.70 3.69
C ALA A 260 -7.23 -26.19 3.82
N ILE A 261 -8.07 -26.56 2.85
CA ILE A 261 -9.46 -26.10 2.84
C ILE A 261 -10.17 -26.62 4.08
N GLU A 262 -10.03 -27.90 4.36
CA GLU A 262 -10.61 -28.46 5.58
C GLU A 262 -10.19 -27.67 6.82
N ASN A 263 -8.92 -27.26 6.89
CA ASN A 263 -8.38 -26.62 8.08
C ASN A 263 -8.68 -25.13 8.21
N VAL A 264 -9.21 -24.46 7.18
CA VAL A 264 -9.55 -23.05 7.32
C VAL A 264 -11.01 -22.74 7.02
N LYS A 265 -11.76 -23.63 6.36
CA LYS A 265 -13.13 -23.33 5.97
C LYS A 265 -14.05 -23.02 7.15
N ASN B 6 42.46 -24.28 35.64
CA ASN B 6 41.30 -24.99 36.17
C ASN B 6 40.34 -23.98 36.77
N MET B 7 39.03 -24.20 36.59
CA MET B 7 38.06 -23.37 37.31
C MET B 7 38.20 -23.56 38.81
N ALA B 8 38.41 -24.80 39.25
CA ALA B 8 38.61 -25.04 40.68
C ALA B 8 39.76 -24.22 41.23
N ASP B 9 40.79 -23.96 40.43
CA ASP B 9 41.92 -23.17 40.90
C ASP B 9 41.56 -21.70 41.05
N ILE B 10 40.93 -21.08 40.04
CA ILE B 10 40.56 -19.67 40.23
C ILE B 10 39.54 -19.54 41.35
N GLU B 11 38.72 -20.58 41.58
CA GLU B 11 37.76 -20.52 42.68
C GLU B 11 38.47 -20.53 44.02
N ALA B 12 39.49 -21.38 44.15
CA ALA B 12 40.26 -21.44 45.39
C ALA B 12 41.00 -20.13 45.67
N ALA B 13 41.63 -19.55 44.64
CA ALA B 13 42.33 -18.28 44.85
C ALA B 13 41.36 -17.17 45.25
N PHE B 14 40.17 -17.17 44.64
CA PHE B 14 39.11 -16.21 44.97
C PHE B 14 38.66 -16.33 46.43
N GLU B 15 38.77 -17.52 47.00
CA GLU B 15 38.20 -17.87 48.29
C GLU B 15 36.70 -17.54 48.32
N GLY B 16 35.95 -18.40 47.63
CA GLY B 16 34.50 -18.30 47.60
C GLY B 16 33.93 -19.40 46.73
N ARG B 17 32.72 -19.18 46.22
CA ARG B 17 32.00 -20.15 45.40
C ARG B 17 31.74 -19.53 44.04
N VAL B 18 32.09 -20.24 42.97
CA VAL B 18 31.97 -19.76 41.59
C VAL B 18 31.12 -20.76 40.81
N GLY B 19 30.10 -20.26 40.13
CA GLY B 19 29.26 -21.11 39.32
C GLY B 19 29.27 -20.60 37.90
N VAL B 20 29.46 -21.48 36.93
CA VAL B 20 29.60 -21.10 35.52
C VAL B 20 28.75 -22.01 34.65
N TYR B 21 28.05 -21.44 33.67
CA TYR B 21 27.50 -22.23 32.58
C TYR B 21 27.80 -21.49 31.30
N ALA B 22 28.31 -22.21 30.31
CA ALA B 22 28.52 -21.63 29.00
C ALA B 22 28.11 -22.62 27.93
N ILE B 23 27.59 -22.08 26.84
CA ILE B 23 27.23 -22.90 25.69
C ILE B 23 27.51 -22.14 24.40
N ASN B 24 28.11 -22.83 23.44
CA ASN B 24 28.25 -22.33 22.07
C ASN B 24 27.01 -22.77 21.32
N THR B 25 26.13 -21.82 20.99
CA THR B 25 24.83 -22.16 20.40
C THR B 25 24.95 -22.52 18.95
N GLY B 26 26.16 -22.45 18.39
CA GLY B 26 26.35 -22.94 17.03
C GLY B 26 26.80 -24.40 16.99
N SER B 27 27.71 -24.77 17.87
CA SER B 27 28.31 -26.11 17.91
C SER B 27 27.69 -27.05 18.93
N GLY B 28 26.88 -26.54 19.85
CA GLY B 28 26.36 -27.32 20.95
C GLY B 28 27.35 -27.69 22.03
N LYS B 29 28.59 -27.22 21.96
CA LYS B 29 29.55 -27.44 23.03
C LYS B 29 29.20 -26.59 24.25
N ALA B 30 29.16 -27.21 25.42
CA ALA B 30 28.85 -26.51 26.66
C ALA B 30 29.79 -26.90 27.78
N TYR B 31 29.82 -26.03 28.80
CA TYR B 31 30.69 -26.22 29.95
C TYR B 31 29.92 -25.83 31.21
N SER B 32 30.00 -26.68 32.24
CA SER B 32 29.30 -26.48 33.51
C SER B 32 30.30 -26.57 34.67
N TYR B 33 30.18 -25.64 35.63
CA TYR B 33 30.88 -25.75 36.92
C TYR B 33 29.92 -25.20 37.97
N ARG B 34 29.47 -26.06 38.88
CA ARG B 34 28.40 -25.69 39.82
C ARG B 34 27.22 -25.04 39.10
N ALA B 35 26.93 -25.52 37.90
CA ALA B 35 25.97 -24.81 37.05
C ALA B 35 24.55 -24.89 37.58
N ASN B 36 24.25 -25.87 38.44
CA ASN B 36 22.90 -26.06 38.99
C ASN B 36 22.81 -25.67 40.46
N GLU B 37 23.83 -25.07 41.00
CA GLU B 37 23.76 -24.55 42.35
C GLU B 37 23.13 -23.17 42.33
N ARG B 38 22.43 -22.83 43.40
CA ARG B 38 21.80 -21.52 43.49
C ARG B 38 22.80 -20.48 43.98
N PHE B 39 22.67 -19.27 43.41
CA PHE B 39 23.41 -18.07 43.76
C PHE B 39 22.46 -16.88 43.80
N PRO B 40 22.78 -15.84 44.58
CA PRO B 40 21.93 -14.65 44.59
C PRO B 40 21.93 -13.96 43.23
N LEU B 41 20.73 -13.57 42.79
CA LEU B 41 20.58 -12.83 41.53
C LEU B 41 21.25 -11.46 41.58
N CYS B 42 21.15 -10.76 42.70
CA CYS B 42 21.48 -9.34 42.74
C CYS B 42 20.72 -8.68 41.58
N SER B 43 21.32 -7.64 40.99
CA SER B 43 20.65 -6.89 39.91
C SER B 43 20.51 -7.66 38.64
N SER B 44 21.05 -8.88 38.55
CA SER B 44 21.01 -9.54 37.25
C SER B 44 19.59 -9.83 36.77
N PHE B 45 18.60 -9.80 37.65
CA PHE B 45 17.23 -10.04 37.20
C PHE B 45 16.72 -8.91 36.33
N LYS B 46 17.34 -7.73 36.43
CA LYS B 46 16.85 -6.56 35.73
C LYS B 46 16.84 -6.76 34.22
N ALA B 47 17.77 -7.55 33.68
CA ALA B 47 17.69 -7.90 32.25
C ALA B 47 16.39 -8.65 31.93
N PHE B 48 16.04 -9.63 32.74
CA PHE B 48 14.81 -10.38 32.50
C PHE B 48 13.57 -9.52 32.76
N LEU B 49 13.68 -8.57 33.68
CA LEU B 49 12.61 -7.60 33.87
C LEU B 49 12.38 -6.80 32.59
N ALA B 50 13.47 -6.31 31.99
CA ALA B 50 13.36 -5.57 30.73
C ALA B 50 12.75 -6.44 29.66
N ALA B 51 13.13 -7.72 29.62
CA ALA B 51 12.56 -8.64 28.63
C ALA B 51 11.09 -8.87 28.88
N ALA B 52 10.68 -8.99 30.16
CA ALA B 52 9.26 -9.17 30.45
C ALA B 52 8.45 -7.96 29.98
N VAL B 53 9.03 -6.76 30.12
CA VAL B 53 8.37 -5.55 29.65
C VAL B 53 8.26 -5.56 28.13
N LEU B 54 9.35 -5.93 27.44
CA LEU B 54 9.26 -6.07 25.98
C LEU B 54 8.15 -7.03 25.59
N LYS B 55 8.02 -8.17 26.28
CA LYS B 55 6.94 -9.09 25.96
C LYS B 55 5.59 -8.44 26.18
N MET B 56 5.44 -7.61 27.21
CA MET B 56 4.17 -6.91 27.39
C MET B 56 3.90 -6.00 26.22
N ASP B 57 4.94 -5.37 25.69
CA ASP B 57 4.77 -4.47 24.56
C ASP B 57 4.45 -5.24 23.30
N GLN B 58 5.08 -6.41 23.14
CA GLN B 58 4.76 -7.31 22.03
C GLN B 58 3.29 -7.70 22.03
N ASP B 59 2.73 -7.99 23.20
CA ASP B 59 1.32 -8.34 23.36
C ASP B 59 0.38 -7.14 23.22
N SER B 60 0.88 -5.93 23.47
CA SER B 60 0.07 -4.71 23.42
C SER B 60 0.94 -3.57 22.89
N PRO B 61 1.11 -3.50 21.57
CA PRO B 61 2.02 -2.50 20.99
C PRO B 61 1.74 -1.10 21.51
N GLY B 62 2.82 -0.43 21.92
CA GLY B 62 2.75 0.92 22.45
C GLY B 62 3.07 1.01 23.92
N VAL B 63 3.04 -0.11 24.65
CA VAL B 63 3.41 -0.07 26.07
C VAL B 63 4.75 0.64 26.27
N LEU B 64 5.75 0.34 25.44
CA LEU B 64 7.07 0.95 25.65
C LEU B 64 7.02 2.47 25.60
N LEU B 65 6.05 3.06 24.90
CA LEU B 65 5.99 4.50 24.75
C LEU B 65 5.07 5.16 25.77
N GLU B 66 4.52 4.40 26.71
CA GLU B 66 3.63 5.00 27.69
C GLU B 66 4.46 5.80 28.67
N LYS B 67 3.90 6.91 29.12
CA LYS B 67 4.54 7.78 30.10
C LYS B 67 4.29 7.22 31.50
N VAL B 68 5.36 7.15 32.28
CA VAL B 68 5.30 6.82 33.70
C VAL B 68 5.69 8.07 34.48
N ASN B 69 4.78 8.54 35.31
CA ASN B 69 4.99 9.70 36.15
C ASN B 69 5.21 9.22 37.58
N TYR B 70 6.18 9.83 38.26
CA TYR B 70 6.53 9.44 39.63
C TYR B 70 7.05 10.66 40.38
N HIS B 71 6.39 11.81 40.20
CA HIS B 71 6.92 13.09 40.68
C HIS B 71 7.17 13.07 42.18
N ASN B 72 6.29 12.46 42.96
CA ASN B 72 6.36 12.54 44.40
C ASN B 72 7.04 11.34 45.03
N ARG B 73 7.65 10.47 44.23
CA ARG B 73 8.25 9.26 44.76
C ARG B 73 9.55 9.58 45.50
N THR B 74 9.77 8.89 46.62
CA THR B 74 11.09 8.88 47.23
C THR B 74 11.98 7.92 46.48
N MET B 75 13.06 8.42 45.89
CA MET B 75 13.83 7.62 44.97
C MET B 75 14.73 6.65 45.73
N GLU B 76 14.69 5.40 45.29
CA GLU B 76 15.57 4.37 45.80
C GLU B 76 17.03 4.75 45.55
N PRO B 77 17.93 4.33 46.43
CA PRO B 77 19.35 4.44 46.11
C PRO B 77 19.68 3.77 44.78
N HIS B 78 20.70 4.31 44.13
CA HIS B 78 21.20 3.87 42.83
C HIS B 78 20.09 3.92 41.79
N SER B 79 19.60 5.14 41.62
CA SER B 79 18.59 5.48 40.62
C SER B 79 19.11 6.62 39.76
N PRO B 80 20.28 6.42 39.11
CA PRO B 80 20.94 7.55 38.44
C PRO B 80 20.14 8.10 37.30
N ILE B 81 19.39 7.27 36.58
CA ILE B 81 18.58 7.77 35.47
C ILE B 81 17.25 8.28 35.99
N THR B 82 16.53 7.48 36.76
CA THR B 82 15.18 7.86 37.14
C THR B 82 15.18 9.11 38.01
N GLU B 83 16.25 9.34 38.77
CA GLU B 83 16.31 10.57 39.56
C GLU B 83 16.51 11.77 38.65
N LYS B 84 17.22 11.60 37.54
CA LYS B 84 17.48 12.72 36.65
C LYS B 84 16.21 13.18 35.96
N PHE B 85 15.35 12.24 35.58
CA PHE B 85 14.18 12.56 34.80
C PHE B 85 12.90 12.58 35.64
N GLN B 86 13.02 12.67 36.96
CA GLN B 86 11.83 12.56 37.79
C GLN B 86 10.84 13.69 37.53
N SER B 87 11.33 14.89 37.19
CA SER B 87 10.45 16.05 37.05
C SER B 87 9.32 15.78 36.08
N GLN B 88 9.63 15.20 34.92
CA GLN B 88 8.61 15.04 33.88
C GLN B 88 8.42 13.60 33.44
N GLY B 89 8.95 12.64 34.19
CA GLY B 89 8.63 11.25 33.93
C GLY B 89 9.49 10.64 32.85
N MET B 90 9.25 9.34 32.62
CA MET B 90 9.99 8.58 31.63
C MET B 90 9.05 7.60 30.93
N ALA B 91 9.42 7.26 29.71
CA ALA B 91 8.70 6.23 28.98
C ALA B 91 9.05 4.87 29.56
N VAL B 92 8.05 3.97 29.54
CA VAL B 92 8.28 2.59 29.95
C VAL B 92 9.58 2.03 29.36
N GLY B 93 9.76 2.19 28.05
CA GLY B 93 10.97 1.72 27.40
C GLY B 93 12.24 2.37 27.92
N GLU B 94 12.17 3.65 28.32
CA GLU B 94 13.34 4.30 28.93
C GLU B 94 13.61 3.72 30.32
N LEU B 95 12.55 3.39 31.08
CA LEU B 95 12.76 2.72 32.37
C LEU B 95 13.41 1.36 32.18
N ALA B 96 12.95 0.60 31.19
CA ALA B 96 13.52 -0.72 30.98
C ALA B 96 14.99 -0.63 30.59
N ALA B 97 15.33 0.28 29.67
CA ALA B 97 16.72 0.49 29.29
C ALA B 97 17.56 0.89 30.49
N ALA B 98 17.00 1.74 31.35
CA ALA B 98 17.77 2.28 32.45
C ALA B 98 18.01 1.21 33.50
N THR B 99 17.02 0.36 33.75
CA THR B 99 17.21 -0.66 34.77
C THR B 99 18.22 -1.71 34.29
N LEU B 100 18.26 -1.98 33.00
CA LEU B 100 19.26 -2.91 32.49
C LEU B 100 20.65 -2.27 32.43
N GLN B 101 20.78 -1.12 31.77
CA GLN B 101 22.10 -0.60 31.40
C GLN B 101 22.78 0.14 32.53
N TYR B 102 22.02 0.64 33.49
CA TYR B 102 22.58 1.34 34.64
C TYR B 102 22.19 0.68 35.94
N SER B 103 21.47 -0.44 35.88
CA SER B 103 20.99 -1.14 37.07
C SER B 103 20.11 -0.25 37.95
N ASP B 104 19.33 0.63 37.33
CA ASP B 104 18.55 1.64 38.03
C ASP B 104 17.46 1.03 38.89
N ASN B 105 17.49 1.33 40.20
CA ASN B 105 16.57 0.69 41.13
C ASN B 105 15.18 1.30 41.10
N GLY B 106 15.08 2.62 41.09
CA GLY B 106 13.79 3.26 40.86
C GLY B 106 13.07 2.67 39.66
N ALA B 107 13.80 2.45 38.56
CA ALA B 107 13.18 1.94 37.34
C ALA B 107 12.66 0.52 37.53
N ALA B 108 13.46 -0.33 38.19
CA ALA B 108 13.02 -1.70 38.44
C ALA B 108 11.76 -1.72 39.29
N ASN B 109 11.76 -0.96 40.38
CA ASN B 109 10.59 -1.01 41.25
C ASN B 109 9.38 -0.39 40.56
N LEU B 110 9.56 0.69 39.80
CA LEU B 110 8.44 1.28 39.07
C LEU B 110 7.83 0.27 38.09
N LEU B 111 8.67 -0.42 37.33
CA LEU B 111 8.17 -1.41 36.38
C LEU B 111 7.45 -2.55 37.11
N MET B 112 7.94 -2.94 38.28
CA MET B 112 7.28 -4.04 38.98
C MET B 112 6.05 -3.58 39.75
N GLU B 113 5.86 -2.27 39.95
CA GLU B 113 4.63 -1.74 40.53
C GLU B 113 3.53 -1.58 39.48
N LYS B 114 3.90 -1.14 38.28
CA LYS B 114 2.92 -0.64 37.35
C LYS B 114 2.70 -1.54 36.15
N TYR B 115 3.61 -2.46 35.87
CA TYR B 115 3.53 -3.29 34.67
C TYR B 115 3.66 -4.77 34.99
N ILE B 116 4.81 -5.20 35.54
CA ILE B 116 5.08 -6.63 35.72
C ILE B 116 4.44 -7.28 36.94
N LYS B 117 3.84 -6.55 37.87
CA LYS B 117 3.04 -7.16 38.94
C LYS B 117 3.97 -7.79 39.99
N GLY B 118 5.04 -7.09 40.28
CA GLY B 118 5.84 -7.37 41.45
C GLY B 118 6.81 -8.51 41.24
N PRO B 119 7.54 -8.83 42.31
CA PRO B 119 8.46 -9.99 42.26
C PRO B 119 7.74 -11.26 41.89
N GLU B 120 6.48 -11.41 42.33
CA GLU B 120 5.68 -12.55 41.94
C GLU B 120 5.48 -12.59 40.43
N GLY B 121 5.14 -11.45 39.84
CA GLY B 121 4.94 -11.39 38.41
C GLY B 121 6.23 -11.59 37.64
N MET B 122 7.32 -11.03 38.15
CA MET B 122 8.64 -11.31 37.57
C MET B 122 8.91 -12.81 37.55
N THR B 123 8.71 -13.49 38.69
CA THR B 123 8.92 -14.94 38.75
C THR B 123 8.01 -15.68 37.79
N GLN B 124 6.74 -15.27 37.72
CA GLN B 124 5.77 -15.86 36.79
C GLN B 124 6.26 -15.78 35.33
N PHE B 125 6.83 -14.65 34.93
CA PHE B 125 7.33 -14.53 33.56
C PHE B 125 8.39 -15.57 33.29
N MET B 126 9.36 -15.69 34.21
CA MET B 126 10.40 -16.69 34.04
C MET B 126 9.84 -18.10 34.03
N ASN B 127 8.86 -18.37 34.89
CA ASN B 127 8.21 -19.68 34.90
C ASN B 127 7.54 -19.93 33.57
N SER B 128 6.92 -18.89 33.02
CA SER B 128 6.18 -19.01 31.76
C SER B 128 7.08 -19.37 30.58
N ILE B 129 8.37 -19.04 30.63
CA ILE B 129 9.28 -19.40 29.56
C ILE B 129 10.03 -20.68 29.86
N GLY B 130 9.67 -21.40 30.93
CA GLY B 130 10.28 -22.67 31.23
C GLY B 130 11.43 -22.66 32.21
N ASP B 131 11.64 -21.55 32.91
CA ASP B 131 12.69 -21.46 33.91
C ASP B 131 12.13 -21.91 35.26
N THR B 132 12.58 -23.07 35.74
CA THR B 132 12.09 -23.64 36.97
C THR B 132 12.86 -23.17 38.19
N LYS B 133 13.98 -22.48 37.99
CA LYS B 133 14.89 -22.17 39.09
C LYS B 133 14.75 -20.73 39.56
N PHE B 134 14.57 -19.80 38.63
CA PHE B 134 14.50 -18.40 38.99
C PHE B 134 13.40 -18.14 40.00
N ARG B 135 13.73 -17.38 41.04
CA ARG B 135 12.72 -16.88 41.93
C ARG B 135 13.16 -15.50 42.40
N LEU B 136 12.29 -14.53 42.19
CA LEU B 136 12.44 -13.20 42.78
C LEU B 136 11.36 -13.08 43.83
N ASP B 137 11.80 -12.85 45.06
CA ASP B 137 10.92 -12.83 46.23
C ASP B 137 10.72 -11.44 46.82
N ARG B 138 11.72 -10.58 46.72
CA ARG B 138 11.68 -9.26 47.32
C ARG B 138 11.89 -8.18 46.26
N TRP B 139 11.61 -6.94 46.67
CA TRP B 139 11.81 -5.75 45.86
C TRP B 139 13.24 -5.25 46.06
N GLU B 140 13.64 -4.29 45.23
CA GLU B 140 14.87 -3.56 45.49
C GLU B 140 14.65 -2.66 46.71
N LEU B 141 15.62 -2.59 47.64
CA LEU B 141 16.93 -3.25 47.59
C LEU B 141 17.02 -4.44 48.56
N ASP B 142 15.88 -4.82 49.14
CA ASP B 142 15.87 -5.93 50.10
C ASP B 142 16.38 -7.23 49.49
N LEU B 143 16.20 -7.42 48.19
CA LEU B 143 16.59 -8.68 47.57
C LEU B 143 18.11 -8.91 47.53
N ASN B 144 18.93 -7.97 48.01
CA ASN B 144 20.38 -8.05 47.88
C ASN B 144 21.09 -8.64 49.09
N SER B 145 20.35 -9.18 50.06
CA SER B 145 20.98 -9.62 51.31
C SER B 145 21.98 -10.77 51.11
N ALA B 146 21.75 -11.65 50.11
CA ALA B 146 22.74 -12.65 49.71
C ALA B 146 23.14 -13.58 50.86
N ILE B 147 22.18 -13.92 51.69
CA ILE B 147 22.47 -14.71 52.90
C ILE B 147 22.84 -16.14 52.52
N PRO B 148 23.95 -16.69 53.01
CA PRO B 148 24.25 -18.11 52.76
C PRO B 148 23.09 -19.00 53.13
N GLY B 149 22.74 -19.91 52.22
CA GLY B 149 21.67 -20.87 52.39
C GLY B 149 20.28 -20.36 52.06
N ASP B 150 20.12 -19.06 51.83
CA ASP B 150 18.82 -18.48 51.57
C ASP B 150 18.53 -18.66 50.10
N GLU B 151 17.40 -19.28 49.77
CA GLU B 151 17.06 -19.45 48.37
C GLU B 151 16.22 -18.29 47.82
N ARG B 152 15.84 -17.32 48.65
CA ARG B 152 15.11 -16.16 48.12
C ARG B 152 16.00 -15.43 47.13
N ASP B 153 15.38 -14.95 46.05
CA ASP B 153 16.06 -14.09 45.07
C ASP B 153 17.33 -14.76 44.53
N THR B 154 17.20 -16.02 44.14
CA THR B 154 18.28 -16.77 43.55
C THR B 154 17.84 -17.38 42.22
N SER B 155 18.85 -17.79 41.47
CA SER B 155 18.67 -18.73 40.38
C SER B 155 19.98 -19.51 40.25
N THR B 156 20.10 -20.29 39.18
CA THR B 156 21.32 -21.03 38.91
C THR B 156 22.01 -20.45 37.70
N PRO B 157 23.32 -20.65 37.56
CA PRO B 157 24.00 -20.13 36.36
C PRO B 157 23.39 -20.69 35.10
N LYS B 158 23.08 -21.99 35.11
CA LYS B 158 22.51 -22.64 33.94
C LYS B 158 21.15 -22.09 33.58
N ALA B 159 20.26 -21.92 34.56
CA ALA B 159 18.94 -21.39 34.27
C ALA B 159 19.03 -19.98 33.70
N VAL B 160 19.90 -19.14 34.28
CA VAL B 160 20.09 -17.81 33.70
C VAL B 160 20.54 -17.91 32.25
N ALA B 161 21.55 -18.75 31.96
CA ALA B 161 22.02 -18.86 30.59
C ALA B 161 20.92 -19.36 29.67
N GLU B 162 20.17 -20.35 30.13
CA GLU B 162 19.16 -20.95 29.23
C GLU B 162 18.01 -19.98 28.97
N SER B 163 17.64 -19.18 29.98
CA SER B 163 16.62 -18.18 29.79
C SER B 163 17.11 -17.04 28.91
N LEU B 164 18.36 -16.59 29.08
CA LEU B 164 18.89 -15.60 28.13
C LEU B 164 18.87 -16.15 26.71
N ASN B 165 19.33 -17.38 26.52
CA ASN B 165 19.32 -17.96 25.18
C ASN B 165 17.91 -17.94 24.60
N LYS B 166 16.91 -18.26 25.42
CA LYS B 166 15.54 -18.29 24.91
C LYS B 166 15.11 -16.91 24.41
N LEU B 167 15.57 -15.86 25.09
CA LEU B 167 15.19 -14.51 24.73
C LEU B 167 15.80 -14.03 23.43
N ILE B 168 16.85 -14.68 22.89
CA ILE B 168 17.44 -14.28 21.63
C ILE B 168 17.36 -15.39 20.60
N SER B 169 16.56 -16.42 20.86
CA SER B 169 16.53 -17.62 20.01
C SER B 169 15.13 -17.92 19.47
N ASN B 170 14.28 -16.89 19.37
CA ASN B 170 13.02 -16.94 18.65
C ASN B 170 12.00 -17.87 19.29
N THR B 171 11.86 -17.80 20.62
CA THR B 171 10.85 -18.59 21.32
C THR B 171 10.03 -17.80 22.32
N VAL B 172 10.38 -16.56 22.60
CA VAL B 172 9.67 -15.73 23.57
C VAL B 172 9.37 -14.37 22.95
N LEU B 173 10.43 -13.72 22.49
CA LEU B 173 10.33 -12.41 21.86
C LEU B 173 10.38 -12.59 20.36
N ASP B 174 9.64 -11.73 19.65
CA ASP B 174 9.73 -11.76 18.21
C ASP B 174 10.95 -10.97 17.77
N ASN B 175 11.20 -10.92 16.46
CA ASN B 175 12.46 -10.37 16.00
C ASN B 175 12.63 -8.93 16.45
N TYR B 176 11.57 -8.11 16.34
CA TYR B 176 11.65 -6.71 16.72
C TYR B 176 12.07 -6.56 18.17
N HIS B 177 11.42 -7.32 19.05
CA HIS B 177 11.70 -7.20 20.48
C HIS B 177 13.04 -7.81 20.85
N GLN B 178 13.45 -8.88 20.16
CA GLN B 178 14.79 -9.44 20.37
C GLN B 178 15.84 -8.41 20.02
N GLU B 179 15.62 -7.67 18.94
CA GLU B 179 16.64 -6.72 18.52
C GLU B 179 16.78 -5.59 19.53
N ILE B 180 15.65 -5.12 20.09
CA ILE B 180 15.75 -4.07 21.10
C ILE B 180 16.44 -4.64 22.33
N PHE B 181 16.04 -5.84 22.76
CA PHE B 181 16.68 -6.46 23.93
C PHE B 181 18.19 -6.55 23.76
N LYS B 182 18.64 -7.02 22.58
CA LYS B 182 20.08 -7.15 22.34
C LYS B 182 20.76 -5.79 22.35
N LYS B 183 20.11 -4.77 21.76
CA LYS B 183 20.68 -3.43 21.76
C LYS B 183 20.92 -2.97 23.19
N TRP B 184 19.90 -3.13 24.03
CA TRP B 184 20.03 -2.74 25.43
C TRP B 184 21.18 -3.48 26.09
N MET B 185 21.25 -4.80 25.91
CA MET B 185 22.29 -5.59 26.56
C MET B 185 23.68 -5.16 26.06
N ILE B 186 23.80 -4.85 24.77
CA ILE B 186 25.08 -4.47 24.22
C ILE B 186 25.52 -3.12 24.80
N GLY B 187 24.58 -2.24 25.05
CA GLY B 187 24.85 -0.94 25.64
C GLY B 187 24.89 -0.91 27.15
N ASN B 188 24.87 -2.07 27.81
CA ASN B 188 25.11 -2.07 29.24
C ASN B 188 26.40 -1.35 29.57
N THR B 189 26.39 -0.59 30.69
CA THR B 189 27.52 0.26 31.05
C THR B 189 28.33 -0.27 32.22
N THR B 190 27.88 -1.32 32.87
CA THR B 190 28.46 -1.74 34.15
C THR B 190 29.34 -2.99 34.08
N GLY B 191 29.54 -3.54 32.89
CA GLY B 191 30.21 -4.83 32.76
C GLY B 191 31.61 -4.78 32.18
N ASP B 192 32.25 -3.61 32.13
CA ASP B 192 33.51 -3.52 31.40
C ASP B 192 34.61 -4.39 32.03
N ASN B 193 34.53 -4.66 33.34
CA ASN B 193 35.58 -5.41 34.01
C ASN B 193 35.21 -6.86 34.29
N ARG B 194 34.16 -7.35 33.63
CA ARG B 194 33.71 -8.72 33.89
C ARG B 194 33.83 -9.51 32.59
N ILE B 195 32.73 -10.05 32.06
CA ILE B 195 32.84 -10.86 30.86
C ILE B 195 33.50 -10.08 29.73
N ARG B 196 33.14 -8.80 29.57
CA ARG B 196 33.74 -7.98 28.52
C ARG B 196 35.27 -7.93 28.63
N ALA B 197 35.82 -8.02 29.83
CA ALA B 197 37.28 -7.99 29.95
C ALA B 197 37.92 -9.28 29.49
N ALA B 198 37.13 -10.32 29.19
CA ALA B 198 37.62 -11.64 28.87
C ALA B 198 37.60 -11.92 27.37
N VAL B 199 37.12 -10.99 26.54
CA VAL B 199 36.94 -11.27 25.11
C VAL B 199 37.95 -10.47 24.28
N PRO B 200 38.45 -11.01 23.18
CA PRO B 200 39.37 -10.25 22.34
C PRO B 200 38.70 -9.03 21.73
N ASP B 201 39.53 -8.04 21.40
CA ASP B 201 39.08 -6.90 20.61
C ASP B 201 38.25 -7.39 19.43
N GLY B 202 37.09 -6.75 19.24
CA GLY B 202 36.25 -6.97 18.09
C GLY B 202 35.00 -7.77 18.38
N TRP B 203 35.04 -8.65 19.37
CA TRP B 203 33.84 -9.39 19.72
C TRP B 203 32.84 -8.46 20.37
N VAL B 204 31.58 -8.69 20.08
CA VAL B 204 30.48 -7.89 20.61
C VAL B 204 29.85 -8.64 21.78
N VAL B 205 29.57 -7.92 22.86
CA VAL B 205 29.05 -8.52 24.07
C VAL B 205 27.82 -7.73 24.51
N GLY B 206 26.74 -8.43 24.81
CA GLY B 206 25.64 -7.87 25.59
C GLY B 206 25.60 -8.57 26.94
N ASP B 207 25.52 -7.79 28.01
CA ASP B 207 25.60 -8.41 29.33
C ASP B 207 24.76 -7.64 30.34
N LYS B 208 24.48 -8.30 31.46
CA LYS B 208 23.93 -7.64 32.63
C LYS B 208 24.65 -8.15 33.86
N THR B 209 25.14 -7.21 34.69
CA THR B 209 25.83 -7.55 35.92
C THR B 209 24.92 -7.56 37.13
N GLY B 210 25.46 -8.10 38.22
CA GLY B 210 24.83 -7.95 39.52
C GLY B 210 25.89 -7.91 40.60
N THR B 211 25.69 -7.04 41.59
CA THR B 211 26.60 -6.91 42.74
C THR B 211 25.75 -6.59 43.96
N CYS B 212 25.59 -7.55 44.87
CA CYS B 212 24.63 -7.39 45.94
C CYS B 212 25.08 -6.37 46.98
N GLY B 213 26.39 -6.23 47.17
CA GLY B 213 26.90 -5.43 48.28
C GLY B 213 27.00 -6.21 49.57
N LYS B 214 26.82 -7.54 49.51
CA LYS B 214 26.89 -8.45 50.65
C LYS B 214 27.51 -9.77 50.22
N TYR B 215 28.26 -10.38 51.17
CA TYR B 215 28.90 -11.69 51.00
C TYR B 215 29.73 -11.77 49.72
N GLY B 216 30.34 -10.66 49.33
CA GLY B 216 31.20 -10.64 48.17
C GLY B 216 30.52 -11.17 46.92
N THR B 217 29.24 -10.89 46.76
CA THR B 217 28.41 -11.55 45.77
C THR B 217 28.38 -10.72 44.50
N ALA B 218 28.70 -11.34 43.37
CA ALA B 218 28.71 -10.62 42.11
C ALA B 218 28.53 -11.60 40.98
N ASN B 219 28.01 -11.10 39.87
CA ASN B 219 27.73 -12.01 38.77
C ASN B 219 27.69 -11.22 37.47
N ASP B 220 27.61 -11.96 36.37
CA ASP B 220 27.47 -11.37 35.04
C ASP B 220 26.96 -12.47 34.10
N HIS B 221 26.08 -12.11 33.20
CA HIS B 221 25.67 -13.04 32.17
C HIS B 221 25.57 -12.31 30.85
N ALA B 222 25.84 -13.03 29.75
CA ALA B 222 26.05 -12.34 28.48
C ALA B 222 25.79 -13.27 27.31
N PHE B 223 25.50 -12.65 26.17
CA PHE B 223 25.74 -13.27 24.88
C PHE B 223 26.96 -12.60 24.23
N ILE B 224 27.70 -13.41 23.46
CA ILE B 224 28.99 -13.04 22.89
C ILE B 224 28.98 -13.38 21.41
N LEU B 225 29.16 -12.37 20.56
CA LEU B 225 29.21 -12.54 19.10
C LEU B 225 30.65 -12.44 18.64
N GLN B 226 31.21 -13.56 18.19
CA GLN B 226 32.60 -13.59 17.76
C GLN B 226 32.78 -12.92 16.40
N GLY B 227 31.68 -12.72 15.66
CA GLY B 227 31.74 -12.09 14.36
C GLY B 227 31.58 -13.10 13.24
N ASN B 228 31.59 -12.57 12.01
CA ASN B 228 31.41 -13.38 10.81
C ASN B 228 30.17 -14.25 10.94
N ASN B 229 29.11 -13.66 11.50
CA ASN B 229 27.80 -14.29 11.65
C ASN B 229 27.81 -15.54 12.52
N ALA B 230 28.86 -15.78 13.31
CA ALA B 230 28.85 -16.92 14.21
C ALA B 230 27.71 -16.83 15.20
N ALA B 231 27.04 -17.96 15.43
CA ALA B 231 26.01 -18.05 16.45
C ALA B 231 26.61 -17.64 17.79
N PRO B 232 25.80 -17.06 18.67
CA PRO B 232 26.35 -16.51 19.93
C PRO B 232 26.83 -17.59 20.86
N LEU B 233 27.80 -17.19 21.69
CA LEU B 233 28.13 -17.91 22.90
C LEU B 233 27.29 -17.31 24.02
N ILE B 234 26.84 -18.15 24.94
CA ILE B 234 26.08 -17.71 26.11
C ILE B 234 26.94 -18.04 27.31
N LEU B 235 27.14 -17.05 28.19
CA LEU B 235 27.96 -17.22 29.37
C LEU B 235 27.23 -16.70 30.59
N SER B 236 27.30 -17.45 31.68
CA SER B 236 26.60 -17.09 32.91
C SER B 236 27.51 -17.42 34.07
N ILE B 237 27.88 -16.40 34.86
CA ILE B 237 28.89 -16.56 35.91
C ILE B 237 28.37 -15.93 37.19
N TYR B 238 28.30 -16.71 38.28
CA TYR B 238 27.74 -16.25 39.54
C TYR B 238 28.76 -16.55 40.62
N THR B 239 28.97 -15.60 41.53
CA THR B 239 29.92 -15.80 42.62
C THR B 239 29.36 -15.31 43.94
N THR B 240 29.89 -15.88 45.02
CA THR B 240 29.64 -15.38 46.36
C THR B 240 30.76 -15.91 47.25
N ARG B 241 30.84 -15.32 48.44
CA ARG B 241 31.90 -15.59 49.40
C ARG B 241 31.27 -15.83 50.76
N LYS B 242 32.11 -16.30 51.71
CA LYS B 242 31.57 -16.81 52.96
C LYS B 242 31.24 -15.72 53.99
N GLY B 243 31.95 -14.59 53.96
CA GLY B 243 31.78 -13.55 54.98
C GLY B 243 30.97 -12.37 54.46
N GLU B 244 30.07 -11.87 55.30
CA GLU B 244 29.17 -10.79 54.90
C GLU B 244 29.92 -9.58 54.36
N HIS B 245 31.09 -9.25 54.93
CA HIS B 245 31.81 -8.03 54.58
C HIS B 245 32.99 -8.30 53.66
N MET B 246 32.97 -9.43 52.93
CA MET B 246 34.01 -9.70 51.95
C MET B 246 33.72 -8.95 50.64
N LYS B 247 34.78 -8.54 49.97
CA LYS B 247 34.63 -7.76 48.75
C LYS B 247 34.36 -8.69 47.58
N HIS B 248 33.54 -8.22 46.65
CA HIS B 248 33.38 -8.93 45.39
C HIS B 248 34.67 -8.84 44.61
N ASP B 249 34.79 -9.65 43.56
CA ASP B 249 36.00 -9.66 42.74
C ASP B 249 35.61 -9.70 41.27
N ASP B 250 35.67 -8.56 40.62
CA ASP B 250 35.43 -8.50 39.17
C ASP B 250 36.35 -9.45 38.42
N GLU B 251 37.62 -9.48 38.79
CA GLU B 251 38.58 -10.24 38.00
C GLU B 251 38.37 -11.75 38.10
N VAL B 252 37.78 -12.26 39.20
CA VAL B 252 37.49 -13.69 39.20
C VAL B 252 36.47 -14.01 38.11
N ILE B 253 35.52 -13.10 37.91
CA ILE B 253 34.52 -13.29 36.87
C ILE B 253 35.19 -13.26 35.50
N ALA B 254 36.10 -12.33 35.27
CA ALA B 254 36.83 -12.30 34.00
C ALA B 254 37.65 -13.58 33.81
N LYS B 255 38.32 -14.04 34.86
CA LYS B 255 39.11 -15.25 34.76
C LYS B 255 38.23 -16.44 34.39
N ALA B 256 37.10 -16.56 35.07
CA ALA B 256 36.19 -17.66 34.77
C ALA B 256 35.68 -17.54 33.34
N ALA B 257 35.32 -16.32 32.91
CA ALA B 257 34.87 -16.12 31.54
C ALA B 257 35.90 -16.63 30.53
N ARG B 258 37.19 -16.31 30.77
CA ARG B 258 38.23 -16.75 29.84
C ARG B 258 38.27 -18.27 29.72
N ILE B 259 38.18 -18.98 30.84
CA ILE B 259 38.18 -20.43 30.83
C ILE B 259 36.93 -20.94 30.11
N ALA B 260 35.78 -20.37 30.44
CA ALA B 260 34.54 -20.82 29.83
C ALA B 260 34.57 -20.65 28.32
N ILE B 261 35.06 -19.51 27.85
CA ILE B 261 35.15 -19.27 26.42
C ILE B 261 36.11 -20.26 25.78
N GLU B 262 37.28 -20.48 26.41
CA GLU B 262 38.20 -21.49 25.89
C GLU B 262 37.51 -22.84 25.75
N ASN B 263 36.62 -23.17 26.69
CA ASN B 263 36.00 -24.49 26.74
C ASN B 263 34.83 -24.68 25.79
N VAL B 264 34.27 -23.62 25.21
CA VAL B 264 33.14 -23.77 24.31
C VAL B 264 33.40 -23.18 22.94
N LYS B 265 34.44 -22.38 22.76
CA LYS B 265 34.66 -21.76 21.46
C LYS B 265 35.00 -22.87 20.45
N ASN C 6 -22.46 38.12 -38.93
CA ASN C 6 -21.08 37.66 -39.14
C ASN C 6 -21.03 36.13 -39.37
N MET C 7 -21.57 35.34 -38.43
CA MET C 7 -21.84 33.95 -38.77
C MET C 7 -22.79 33.89 -39.96
N ALA C 8 -23.78 34.79 -39.99
CA ALA C 8 -24.66 34.89 -41.14
C ALA C 8 -23.87 35.16 -42.42
N ASP C 9 -22.76 35.89 -42.32
CA ASP C 9 -21.91 36.12 -43.48
C ASP C 9 -21.22 34.83 -43.92
N ILE C 10 -20.60 34.11 -42.96
CA ILE C 10 -20.08 32.78 -43.26
C ILE C 10 -21.14 31.95 -43.94
N GLU C 11 -22.33 31.89 -43.34
CA GLU C 11 -23.40 31.06 -43.89
C GLU C 11 -23.77 31.49 -45.29
N ALA C 12 -23.82 32.80 -45.54
CA ALA C 12 -24.21 33.27 -46.87
C ALA C 12 -23.18 32.86 -47.92
N ALA C 13 -21.90 33.05 -47.62
CA ALA C 13 -20.84 32.66 -48.55
C ALA C 13 -20.81 31.16 -48.78
N PHE C 14 -21.15 30.37 -47.75
CA PHE C 14 -21.12 28.91 -47.86
C PHE C 14 -22.22 28.41 -48.79
N GLU C 15 -23.34 29.12 -48.87
CA GLU C 15 -24.50 28.72 -49.67
C GLU C 15 -25.10 27.42 -49.12
N GLY C 16 -25.63 27.55 -47.91
CA GLY C 16 -26.09 26.39 -47.17
C GLY C 16 -26.53 26.79 -45.78
N ARG C 17 -26.59 25.81 -44.87
CA ARG C 17 -27.12 26.03 -43.55
C ARG C 17 -26.03 25.65 -42.55
N VAL C 18 -25.78 26.54 -41.61
CA VAL C 18 -24.75 26.39 -40.59
C VAL C 18 -25.42 26.50 -39.22
N GLY C 19 -25.26 25.48 -38.39
CA GLY C 19 -25.73 25.52 -37.02
C GLY C 19 -24.55 25.39 -36.07
N VAL C 20 -24.56 26.22 -35.03
CA VAL C 20 -23.45 26.33 -34.09
C VAL C 20 -24.00 26.46 -32.68
N TYR C 21 -23.43 25.68 -31.76
CA TYR C 21 -23.59 25.96 -30.34
C TYR C 21 -22.22 25.86 -29.69
N ALA C 22 -21.96 26.78 -28.78
CA ALA C 22 -20.71 26.81 -28.04
C ALA C 22 -20.99 27.27 -26.63
N ILE C 23 -20.26 26.71 -25.67
CA ILE C 23 -20.39 27.14 -24.30
C ILE C 23 -19.03 27.05 -23.62
N ASN C 24 -18.71 28.09 -22.87
CA ASN C 24 -17.58 28.14 -21.96
C ASN C 24 -18.05 27.58 -20.63
N THR C 25 -17.63 26.36 -20.30
CA THR C 25 -18.16 25.74 -19.09
C THR C 25 -17.54 26.30 -17.83
N GLY C 26 -16.59 27.22 -17.97
CA GLY C 26 -16.09 27.98 -16.85
C GLY C 26 -16.96 29.18 -16.53
N SER C 27 -17.11 30.08 -17.50
CA SER C 27 -17.86 31.31 -17.28
C SER C 27 -19.36 31.14 -17.45
N GLY C 28 -19.81 30.07 -18.11
CA GLY C 28 -21.19 29.91 -18.50
C GLY C 28 -21.56 30.62 -19.79
N LYS C 29 -20.65 31.40 -20.37
CA LYS C 29 -20.97 32.12 -21.60
C LYS C 29 -21.23 31.18 -22.77
N ALA C 30 -22.31 31.41 -23.49
CA ALA C 30 -22.68 30.57 -24.62
C ALA C 30 -22.91 31.41 -25.86
N TYR C 31 -22.86 30.72 -26.99
CA TYR C 31 -23.12 31.27 -28.32
C TYR C 31 -24.03 30.30 -29.08
N SER C 32 -25.03 30.86 -29.77
CA SER C 32 -25.98 30.02 -30.49
C SER C 32 -26.30 30.63 -31.85
N TYR C 33 -26.34 29.75 -32.86
CA TYR C 33 -26.78 30.13 -34.21
C TYR C 33 -27.43 28.89 -34.84
N ARG C 34 -28.76 28.87 -34.92
CA ARG C 34 -29.50 27.69 -35.41
C ARG C 34 -29.18 26.48 -34.55
N ALA C 35 -28.97 26.73 -33.27
CA ALA C 35 -28.47 25.69 -32.38
C ALA C 35 -29.52 24.63 -32.08
N ASN C 36 -30.80 24.92 -32.28
CA ASN C 36 -31.86 23.97 -32.03
C ASN C 36 -32.47 23.43 -33.32
N GLU C 37 -31.86 23.69 -34.47
CA GLU C 37 -32.29 23.07 -35.72
C GLU C 37 -31.63 21.71 -35.88
N ARG C 38 -32.30 20.82 -36.59
CA ARG C 38 -31.77 19.50 -36.86
C ARG C 38 -30.83 19.49 -38.06
N PHE C 39 -29.78 18.69 -37.93
CA PHE C 39 -28.76 18.43 -38.94
C PHE C 39 -28.42 16.95 -38.94
N PRO C 40 -28.01 16.40 -40.08
CA PRO C 40 -27.58 15.00 -40.09
C PRO C 40 -26.36 14.81 -39.23
N LEU C 41 -26.35 13.68 -38.50
CA LEU C 41 -25.23 13.35 -37.64
C LEU C 41 -24.00 12.95 -38.44
N CYS C 42 -24.21 12.22 -39.55
CA CYS C 42 -23.14 11.52 -40.24
C CYS C 42 -22.33 10.76 -39.19
N SER C 43 -21.01 10.70 -39.36
CA SER C 43 -20.18 9.90 -38.46
C SER C 43 -20.06 10.48 -37.05
N SER C 44 -20.64 11.64 -36.78
CA SER C 44 -20.39 12.27 -35.48
C SER C 44 -20.96 11.46 -34.32
N PHE C 45 -21.94 10.58 -34.55
CA PHE C 45 -22.45 9.71 -33.48
C PHE C 45 -21.37 8.77 -32.94
N LYS C 46 -20.29 8.56 -33.70
CA LYS C 46 -19.35 7.52 -33.30
C LYS C 46 -18.62 7.88 -32.01
N ALA C 47 -18.44 9.16 -31.70
CA ALA C 47 -17.89 9.53 -30.41
C ALA C 47 -18.80 9.04 -29.27
N PHE C 48 -20.11 9.24 -29.43
CA PHE C 48 -21.06 8.81 -28.43
C PHE C 48 -21.18 7.29 -28.39
N LEU C 49 -21.03 6.63 -29.53
CA LEU C 49 -20.95 5.17 -29.52
C LEU C 49 -19.81 4.70 -28.63
N ALA C 50 -18.62 5.31 -28.80
CA ALA C 50 -17.48 4.96 -27.97
C ALA C 50 -17.76 5.23 -26.51
N ALA C 51 -18.45 6.33 -26.20
CA ALA C 51 -18.80 6.63 -24.81
C ALA C 51 -19.78 5.60 -24.25
N ALA C 52 -20.72 5.13 -25.08
CA ALA C 52 -21.64 4.09 -24.62
C ALA C 52 -20.91 2.80 -24.31
N VAL C 53 -19.89 2.47 -25.10
CA VAL C 53 -19.08 1.28 -24.85
C VAL C 53 -18.30 1.46 -23.55
N LEU C 54 -17.76 2.64 -23.34
CA LEU C 54 -17.08 2.92 -22.08
C LEU C 54 -18.00 2.72 -20.89
N LYS C 55 -19.24 3.23 -20.99
CA LYS C 55 -20.20 3.03 -19.91
C LYS C 55 -20.49 1.56 -19.67
N MET C 56 -20.63 0.76 -20.74
CA MET C 56 -20.80 -0.67 -20.54
C MET C 56 -19.62 -1.26 -19.77
N ASP C 57 -18.41 -0.83 -20.10
CA ASP C 57 -17.22 -1.32 -19.40
C ASP C 57 -17.19 -0.83 -17.96
N GLN C 58 -17.66 0.39 -17.72
CA GLN C 58 -17.77 0.87 -16.35
C GLN C 58 -18.69 -0.02 -15.52
N ASP C 59 -19.79 -0.46 -16.14
CA ASP C 59 -20.77 -1.30 -15.48
C ASP C 59 -20.28 -2.72 -15.34
N SER C 60 -19.43 -3.16 -16.25
CA SER C 60 -18.93 -4.53 -16.29
C SER C 60 -17.46 -4.50 -16.67
N PRO C 61 -16.58 -4.28 -15.70
CA PRO C 61 -15.16 -4.12 -15.99
C PRO C 61 -14.59 -5.27 -16.82
N GLY C 62 -13.89 -4.91 -17.89
CA GLY C 62 -13.28 -5.88 -18.77
C GLY C 62 -13.90 -5.94 -20.15
N VAL C 63 -15.06 -5.30 -20.35
CA VAL C 63 -15.67 -5.27 -21.69
C VAL C 63 -14.68 -4.74 -22.73
N LEU C 64 -13.92 -3.71 -22.39
CA LEU C 64 -13.01 -3.11 -23.38
C LEU C 64 -11.95 -4.09 -23.86
N LEU C 65 -11.62 -5.12 -23.06
CA LEU C 65 -10.60 -6.08 -23.44
C LEU C 65 -11.16 -7.33 -24.10
N GLU C 66 -12.48 -7.43 -24.27
CA GLU C 66 -13.05 -8.58 -24.96
C GLU C 66 -12.65 -8.56 -26.42
N LYS C 67 -12.36 -9.75 -26.96
CA LYS C 67 -12.05 -9.92 -28.38
C LYS C 67 -13.31 -10.00 -29.23
N VAL C 68 -13.32 -9.24 -30.30
CA VAL C 68 -14.35 -9.32 -31.35
C VAL C 68 -13.69 -9.98 -32.56
N ASN C 69 -14.32 -11.05 -33.03
CA ASN C 69 -13.87 -11.81 -34.17
C ASN C 69 -14.85 -11.56 -35.31
N TYR C 70 -14.32 -11.29 -36.50
CA TYR C 70 -15.13 -10.94 -37.65
C TYR C 70 -14.42 -11.36 -38.93
N HIS C 71 -13.84 -12.56 -38.92
CA HIS C 71 -12.84 -12.94 -39.91
C HIS C 71 -13.41 -13.03 -41.32
N ASN C 72 -14.67 -13.44 -41.46
CA ASN C 72 -15.29 -13.67 -42.77
C ASN C 72 -16.29 -12.58 -43.13
N ARG C 73 -16.27 -11.46 -42.40
CA ARG C 73 -17.26 -10.40 -42.55
C ARG C 73 -16.95 -9.54 -43.76
N THR C 74 -18.01 -9.15 -44.48
CA THR C 74 -17.85 -8.16 -45.55
C THR C 74 -17.65 -6.79 -44.94
N MET C 75 -16.52 -6.16 -45.25
CA MET C 75 -16.13 -4.95 -44.56
C MET C 75 -16.68 -3.71 -45.29
N GLU C 76 -17.33 -2.86 -44.51
CA GLU C 76 -17.86 -1.60 -44.99
C GLU C 76 -16.73 -0.74 -45.57
N PRO C 77 -17.03 0.11 -46.56
CA PRO C 77 -16.09 1.15 -46.96
C PRO C 77 -15.70 2.02 -45.77
N HIS C 78 -14.48 2.57 -45.85
CA HIS C 78 -13.87 3.41 -44.83
C HIS C 78 -13.80 2.68 -43.49
N SER C 79 -13.15 1.53 -43.55
CA SER C 79 -12.85 0.71 -42.39
C SER C 79 -11.35 0.47 -42.33
N PRO C 80 -10.55 1.55 -42.30
CA PRO C 80 -9.10 1.38 -42.39
C PRO C 80 -8.51 0.53 -41.29
N ILE C 81 -9.06 0.63 -40.09
CA ILE C 81 -8.51 -0.12 -38.98
C ILE C 81 -9.04 -1.53 -38.97
N THR C 82 -10.38 -1.71 -38.99
CA THR C 82 -10.91 -3.06 -38.91
C THR C 82 -10.50 -3.91 -40.11
N GLU C 83 -10.39 -3.34 -41.31
CA GLU C 83 -9.89 -4.14 -42.42
C GLU C 83 -8.47 -4.62 -42.16
N LYS C 84 -7.63 -3.75 -41.59
CA LYS C 84 -6.23 -4.11 -41.31
C LYS C 84 -6.12 -5.27 -40.34
N PHE C 85 -6.96 -5.29 -39.30
CA PHE C 85 -6.84 -6.29 -38.25
C PHE C 85 -7.88 -7.41 -38.36
N GLN C 86 -8.54 -7.56 -39.51
CA GLN C 86 -9.60 -8.57 -39.64
C GLN C 86 -9.09 -9.99 -39.37
N SER C 87 -7.85 -10.29 -39.72
CA SER C 87 -7.40 -11.67 -39.62
C SER C 87 -7.35 -12.14 -38.17
N GLN C 88 -6.99 -11.25 -37.26
CA GLN C 88 -6.82 -11.60 -35.85
C GLN C 88 -7.90 -11.06 -34.93
N GLY C 89 -8.82 -10.24 -35.43
CA GLY C 89 -9.85 -9.66 -34.60
C GLY C 89 -9.30 -8.47 -33.83
N MET C 90 -10.20 -7.78 -33.11
CA MET C 90 -9.83 -6.59 -32.35
C MET C 90 -10.53 -6.59 -31.00
N ALA C 91 -9.88 -5.96 -30.02
CA ALA C 91 -10.56 -5.77 -28.75
C ALA C 91 -11.61 -4.67 -28.87
N VAL C 92 -12.64 -4.79 -28.04
CA VAL C 92 -13.72 -3.80 -28.00
C VAL C 92 -13.16 -2.38 -27.88
N GLY C 93 -12.23 -2.17 -26.95
CA GLY C 93 -11.64 -0.85 -26.79
C GLY C 93 -10.89 -0.38 -28.03
N GLU C 94 -10.27 -1.32 -28.75
CA GLU C 94 -9.60 -0.97 -30.00
C GLU C 94 -10.61 -0.58 -31.05
N LEU C 95 -11.75 -1.28 -31.08
CA LEU C 95 -12.83 -0.91 -31.98
C LEU C 95 -13.36 0.48 -31.66
N ALA C 96 -13.59 0.78 -30.37
CA ALA C 96 -14.10 2.09 -29.99
C ALA C 96 -13.13 3.19 -30.37
N ALA C 97 -11.83 2.96 -30.14
CA ALA C 97 -10.84 3.96 -30.54
C ALA C 97 -10.85 4.17 -32.04
N ALA C 98 -10.95 3.07 -32.80
CA ALA C 98 -10.92 3.18 -34.26
C ALA C 98 -12.14 3.89 -34.81
N THR C 99 -13.32 3.60 -34.24
CA THR C 99 -14.51 4.24 -34.79
C THR C 99 -14.50 5.73 -34.49
N LEU C 100 -13.98 6.13 -33.33
CA LEU C 100 -13.88 7.55 -33.03
C LEU C 100 -12.77 8.21 -33.86
N GLN C 101 -11.56 7.66 -33.81
CA GLN C 101 -10.38 8.37 -34.26
C GLN C 101 -10.15 8.26 -35.77
N TYR C 102 -10.72 7.24 -36.41
CA TYR C 102 -10.61 7.05 -37.85
C TYR C 102 -11.97 6.92 -38.52
N SER C 103 -13.05 7.19 -37.79
CA SER C 103 -14.42 7.06 -38.29
C SER C 103 -14.69 5.68 -38.89
N ASP C 104 -14.02 4.66 -38.36
CA ASP C 104 -14.08 3.32 -38.92
C ASP C 104 -15.51 2.80 -38.93
N ASN C 105 -16.06 2.55 -40.12
CA ASN C 105 -17.45 2.11 -40.21
C ASN C 105 -17.64 0.67 -39.76
N GLY C 106 -16.72 -0.21 -40.12
CA GLY C 106 -16.83 -1.59 -39.66
C GLY C 106 -16.83 -1.65 -38.14
N ALA C 107 -16.01 -0.81 -37.51
CA ALA C 107 -15.97 -0.78 -36.05
C ALA C 107 -17.29 -0.31 -35.47
N ALA C 108 -17.89 0.72 -36.07
CA ALA C 108 -19.16 1.24 -35.57
C ALA C 108 -20.24 0.18 -35.65
N ASN C 109 -20.35 -0.49 -36.81
CA ASN C 109 -21.43 -1.46 -36.94
C ASN C 109 -21.20 -2.70 -36.07
N LEU C 110 -19.95 -3.12 -35.92
CA LEU C 110 -19.62 -4.24 -35.03
C LEU C 110 -19.99 -3.93 -33.58
N LEU C 111 -19.69 -2.71 -33.13
CA LEU C 111 -20.02 -2.33 -31.76
C LEU C 111 -21.51 -2.18 -31.57
N MET C 112 -22.21 -1.58 -32.54
CA MET C 112 -23.66 -1.47 -32.40
C MET C 112 -24.32 -2.83 -32.45
N GLU C 113 -23.81 -3.75 -33.28
CA GLU C 113 -24.43 -5.07 -33.35
C GLU C 113 -24.15 -5.87 -32.07
N LYS C 114 -22.91 -5.85 -31.62
CA LYS C 114 -22.49 -6.83 -30.63
C LYS C 114 -22.61 -6.33 -29.20
N TYR C 115 -22.61 -5.01 -28.99
CA TYR C 115 -22.64 -4.46 -27.64
C TYR C 115 -23.80 -3.51 -27.38
N ILE C 116 -24.03 -2.52 -28.26
CA ILE C 116 -24.93 -1.41 -27.96
C ILE C 116 -26.38 -1.63 -28.40
N LYS C 117 -26.68 -2.72 -29.10
CA LYS C 117 -28.06 -3.10 -29.42
C LYS C 117 -28.64 -2.21 -30.54
N GLY C 118 -27.84 -2.02 -31.58
CA GLY C 118 -28.26 -1.36 -32.80
C GLY C 118 -28.40 0.14 -32.71
N PRO C 119 -28.80 0.77 -33.82
CA PRO C 119 -29.11 2.20 -33.75
C PRO C 119 -30.11 2.53 -32.65
N GLU C 120 -31.06 1.64 -32.43
CA GLU C 120 -32.04 1.86 -31.38
C GLU C 120 -31.35 1.93 -30.03
N GLY C 121 -30.38 1.05 -29.80
CA GLY C 121 -29.69 1.07 -28.53
C GLY C 121 -28.81 2.30 -28.39
N MET C 122 -28.17 2.71 -29.49
CA MET C 122 -27.41 3.95 -29.48
C MET C 122 -28.32 5.11 -29.08
N THR C 123 -29.51 5.17 -29.67
CA THR C 123 -30.46 6.22 -29.31
C THR C 123 -30.88 6.12 -27.86
N GLN C 124 -31.10 4.90 -27.37
CA GLN C 124 -31.49 4.75 -25.98
C GLN C 124 -30.39 5.24 -25.04
N PHE C 125 -29.13 5.01 -25.38
CA PHE C 125 -28.05 5.56 -24.56
C PHE C 125 -28.16 7.08 -24.45
N MET C 126 -28.27 7.76 -25.59
CA MET C 126 -28.39 9.21 -25.59
C MET C 126 -29.64 9.66 -24.82
N ASN C 127 -30.77 8.98 -25.03
CA ASN C 127 -31.95 9.29 -24.24
C ASN C 127 -31.66 9.17 -22.76
N SER C 128 -30.91 8.13 -22.37
CA SER C 128 -30.70 7.84 -20.96
C SER C 128 -29.89 8.93 -20.27
N ILE C 129 -29.05 9.66 -21.01
CA ILE C 129 -28.27 10.73 -20.38
C ILE C 129 -28.98 12.07 -20.50
N GLY C 130 -30.22 12.04 -21.00
CA GLY C 130 -31.04 13.23 -21.04
C GLY C 130 -31.01 13.99 -22.34
N ASP C 131 -30.53 13.38 -23.42
CA ASP C 131 -30.53 14.00 -24.74
C ASP C 131 -31.84 13.60 -25.43
N THR C 132 -32.74 14.57 -25.61
CA THR C 132 -34.07 14.35 -26.16
C THR C 132 -34.12 14.55 -27.68
N LYS C 133 -33.02 14.99 -28.30
CA LYS C 133 -32.97 15.28 -29.72
C LYS C 133 -32.28 14.20 -30.56
N PHE C 134 -31.26 13.54 -30.03
CA PHE C 134 -30.48 12.59 -30.81
C PHE C 134 -31.37 11.44 -31.27
N ARG C 135 -31.28 11.10 -32.56
CA ARG C 135 -31.86 9.85 -33.04
C ARG C 135 -30.93 9.24 -34.07
N LEU C 136 -30.57 7.99 -33.85
CA LEU C 136 -29.92 7.17 -34.87
C LEU C 136 -30.89 6.07 -35.28
N ASP C 137 -31.21 6.05 -36.56
CA ASP C 137 -32.21 5.17 -37.14
C ASP C 137 -31.65 4.05 -37.97
N ARG C 138 -30.49 4.26 -38.59
CA ARG C 138 -29.93 3.31 -39.54
C ARG C 138 -28.48 3.05 -39.18
N TRP C 139 -27.93 2.02 -39.82
CA TRP C 139 -26.56 1.58 -39.67
C TRP C 139 -25.69 2.32 -40.64
N GLU C 140 -24.38 2.16 -40.48
CA GLU C 140 -23.46 2.63 -41.51
C GLU C 140 -23.54 1.66 -42.69
N LEU C 141 -23.57 2.16 -43.92
CA LEU C 141 -23.48 3.57 -44.29
C LEU C 141 -24.84 4.17 -44.70
N ASP C 142 -25.91 3.40 -44.51
CA ASP C 142 -27.23 3.88 -44.91
C ASP C 142 -27.57 5.20 -44.24
N LEU C 143 -27.02 5.46 -43.04
CA LEU C 143 -27.41 6.64 -42.27
C LEU C 143 -26.91 7.95 -42.85
N ASN C 144 -26.11 7.92 -43.92
CA ASN C 144 -25.46 9.10 -44.49
C ASN C 144 -26.24 9.75 -45.62
N SER C 145 -27.52 9.42 -45.80
CA SER C 145 -28.24 9.90 -46.98
C SER C 145 -28.47 11.40 -46.91
N ALA C 146 -28.63 11.96 -45.71
CA ALA C 146 -28.61 13.40 -45.49
C ALA C 146 -29.67 14.12 -46.31
N ILE C 147 -30.82 13.47 -46.47
CA ILE C 147 -31.88 14.03 -47.34
C ILE C 147 -32.52 15.23 -46.63
N PRO C 148 -32.63 16.40 -47.29
CA PRO C 148 -33.27 17.54 -46.63
C PRO C 148 -34.68 17.20 -46.16
N GLY C 149 -35.00 17.67 -44.95
CA GLY C 149 -36.27 17.40 -44.31
C GLY C 149 -36.39 16.05 -43.63
N ASP C 150 -35.46 15.15 -43.87
CA ASP C 150 -35.45 13.84 -43.24
C ASP C 150 -34.91 13.97 -41.82
N GLU C 151 -35.66 13.51 -40.83
CA GLU C 151 -35.19 13.63 -39.46
C GLU C 151 -34.48 12.37 -39.00
N ARG C 152 -34.40 11.34 -39.85
CA ARG C 152 -33.62 10.16 -39.49
C ARG C 152 -32.15 10.53 -39.32
N ASP C 153 -31.53 9.99 -38.28
CA ASP C 153 -30.09 10.09 -38.13
C ASP C 153 -29.67 11.55 -38.01
N THR C 154 -30.40 12.27 -37.18
CA THR C 154 -30.12 13.68 -36.91
C THR C 154 -30.05 13.97 -35.42
N SER C 155 -29.48 15.14 -35.14
CA SER C 155 -29.60 15.78 -33.86
C SER C 155 -29.49 17.28 -34.08
N THR C 156 -29.31 18.04 -32.97
CA THR C 156 -29.09 19.48 -33.03
C THR C 156 -27.68 19.83 -32.55
N PRO C 157 -27.13 20.95 -33.01
CA PRO C 157 -25.81 21.38 -32.48
C PRO C 157 -25.79 21.50 -30.98
N LYS C 158 -26.86 22.05 -30.40
CA LYS C 158 -26.90 22.23 -28.96
C LYS C 158 -26.97 20.90 -28.23
N ALA C 159 -27.78 19.94 -28.70
CA ALA C 159 -27.87 18.67 -27.97
C ALA C 159 -26.56 17.90 -28.05
N VAL C 160 -25.90 17.94 -29.21
CA VAL C 160 -24.59 17.31 -29.33
C VAL C 160 -23.60 17.94 -28.35
N ALA C 161 -23.60 19.26 -28.24
CA ALA C 161 -22.70 19.93 -27.29
C ALA C 161 -23.03 19.56 -25.85
N GLU C 162 -24.32 19.60 -25.48
CA GLU C 162 -24.72 19.28 -24.11
C GLU C 162 -24.39 17.83 -23.75
N SER C 163 -24.56 16.91 -24.70
CA SER C 163 -24.23 15.51 -24.41
C SER C 163 -22.72 15.32 -24.29
N LEU C 164 -21.93 15.99 -25.13
CA LEU C 164 -20.48 15.91 -24.96
C LEU C 164 -20.07 16.45 -23.59
N ASN C 165 -20.65 17.58 -23.20
CA ASN C 165 -20.32 18.15 -21.90
C ASN C 165 -20.63 17.18 -20.77
N LYS C 166 -21.77 16.51 -20.85
CA LYS C 166 -22.14 15.52 -19.83
C LYS C 166 -21.07 14.45 -19.72
N LEU C 167 -20.48 14.05 -20.84
CA LEU C 167 -19.55 12.94 -20.84
C LEU C 167 -18.23 13.29 -20.18
N ILE C 168 -17.90 14.58 -20.05
CA ILE C 168 -16.66 14.98 -19.42
C ILE C 168 -16.89 15.79 -18.15
N SER C 169 -18.12 15.79 -17.62
CA SER C 169 -18.47 16.61 -16.46
C SER C 169 -19.01 15.78 -15.29
N ASN C 170 -18.54 14.54 -15.16
CA ASN C 170 -18.81 13.72 -13.98
C ASN C 170 -20.31 13.47 -13.77
N THR C 171 -21.00 13.07 -14.83
CA THR C 171 -22.42 12.76 -14.74
C THR C 171 -22.81 11.45 -15.38
N VAL C 172 -21.96 10.88 -16.21
CA VAL C 172 -22.27 9.66 -16.96
C VAL C 172 -21.15 8.65 -16.72
N LEU C 173 -19.94 9.09 -16.99
CA LEU C 173 -18.73 8.30 -16.92
C LEU C 173 -17.95 8.69 -15.66
N ASP C 174 -17.30 7.70 -15.06
CA ASP C 174 -16.48 7.99 -13.90
C ASP C 174 -15.13 8.54 -14.36
N ASN C 175 -14.28 8.90 -13.42
CA ASN C 175 -13.05 9.59 -13.81
C ASN C 175 -12.20 8.72 -14.74
N TYR C 176 -12.06 7.44 -14.42
CA TYR C 176 -11.27 6.56 -15.27
C TYR C 176 -11.79 6.60 -16.71
N HIS C 177 -13.10 6.46 -16.86
CA HIS C 177 -13.65 6.33 -18.20
C HIS C 177 -13.70 7.66 -18.93
N GLN C 178 -13.89 8.77 -18.21
CA GLN C 178 -13.72 10.08 -18.81
C GLN C 178 -12.32 10.28 -19.34
N GLU C 179 -11.31 9.80 -18.61
CA GLU C 179 -9.93 9.99 -19.06
C GLU C 179 -9.66 9.24 -20.35
N ILE C 180 -10.19 8.03 -20.47
CA ILE C 180 -10.04 7.28 -21.73
C ILE C 180 -10.80 7.99 -22.85
N PHE C 181 -12.03 8.42 -22.59
CA PHE C 181 -12.80 9.10 -23.64
C PHE C 181 -12.07 10.34 -24.13
N LYS C 182 -11.58 11.15 -23.20
CA LYS C 182 -10.88 12.38 -23.58
C LYS C 182 -9.63 12.05 -24.38
N LYS C 183 -8.91 11.01 -23.95
CA LYS C 183 -7.71 10.57 -24.67
C LYS C 183 -8.06 10.24 -26.12
N TRP C 184 -9.10 9.44 -26.33
CA TRP C 184 -9.52 9.08 -27.67
C TRP C 184 -9.87 10.32 -28.49
N MET C 185 -10.66 11.22 -27.92
CA MET C 185 -11.07 12.41 -28.65
C MET C 185 -9.86 13.24 -29.05
N ILE C 186 -8.91 13.43 -28.13
CA ILE C 186 -7.71 14.20 -28.43
C ILE C 186 -6.92 13.53 -29.54
N GLY C 187 -6.94 12.20 -29.60
CA GLY C 187 -6.27 11.46 -30.66
C GLY C 187 -7.00 11.32 -31.97
N ASN C 188 -8.14 12.01 -32.14
CA ASN C 188 -8.82 11.97 -33.43
C ASN C 188 -7.88 12.42 -34.53
N THR C 189 -7.92 11.71 -35.66
CA THR C 189 -7.05 12.03 -36.78
C THR C 189 -7.74 12.77 -37.90
N THR C 190 -9.07 12.94 -37.87
CA THR C 190 -9.80 13.42 -39.04
C THR C 190 -10.25 14.87 -38.94
N GLY C 191 -9.84 15.60 -37.90
CA GLY C 191 -10.35 16.93 -37.70
C GLY C 191 -9.35 18.07 -37.84
N ASP C 192 -8.19 17.82 -38.47
CA ASP C 192 -7.15 18.85 -38.48
C ASP C 192 -7.59 20.12 -39.22
N ASN C 193 -8.51 19.98 -40.17
CA ASN C 193 -8.94 21.11 -40.98
C ASN C 193 -10.29 21.67 -40.56
N ARG C 194 -10.83 21.22 -39.43
CA ARG C 194 -12.09 21.79 -38.95
C ARG C 194 -11.82 22.54 -37.66
N ILE C 195 -12.36 22.09 -36.52
CA ILE C 195 -12.24 22.93 -35.33
C ILE C 195 -10.77 23.11 -34.94
N ARG C 196 -9.95 22.08 -35.10
CA ARG C 196 -8.54 22.19 -34.74
C ARG C 196 -7.83 23.29 -35.52
N ALA C 197 -8.29 23.55 -36.74
CA ALA C 197 -7.70 24.62 -37.52
C ALA C 197 -7.95 25.99 -36.94
N ALA C 198 -8.82 26.10 -35.94
CA ALA C 198 -9.29 27.39 -35.44
C ALA C 198 -8.74 27.77 -34.06
N VAL C 199 -7.91 26.95 -33.43
CA VAL C 199 -7.47 27.25 -32.08
C VAL C 199 -6.01 27.70 -32.05
N PRO C 200 -5.64 28.57 -31.13
CA PRO C 200 -4.23 28.93 -30.95
C PRO C 200 -3.36 27.70 -30.69
N ASP C 201 -2.07 27.88 -30.97
CA ASP C 201 -1.11 26.84 -30.66
C ASP C 201 -1.14 26.52 -29.18
N GLY C 202 -0.96 25.25 -28.86
CA GLY C 202 -0.88 24.81 -27.49
C GLY C 202 -2.21 24.47 -26.87
N TRP C 203 -3.32 24.99 -27.40
CA TRP C 203 -4.62 24.53 -26.95
C TRP C 203 -4.80 23.08 -27.35
N VAL C 204 -5.41 22.30 -26.47
CA VAL C 204 -5.66 20.88 -26.69
C VAL C 204 -7.12 20.73 -27.12
N VAL C 205 -7.34 19.98 -28.19
CA VAL C 205 -8.68 19.76 -28.74
C VAL C 205 -8.94 18.26 -28.79
N GLY C 206 -10.09 17.84 -28.30
CA GLY C 206 -10.59 16.53 -28.67
C GLY C 206 -11.85 16.66 -29.49
N ASP C 207 -11.98 15.96 -30.62
CA ASP C 207 -13.10 16.21 -31.49
C ASP C 207 -13.53 14.94 -32.21
N LYS C 208 -14.74 14.97 -32.74
CA LYS C 208 -15.21 13.97 -33.69
C LYS C 208 -15.90 14.66 -34.84
N THR C 209 -15.47 14.36 -36.04
CA THR C 209 -16.03 14.88 -37.28
C THR C 209 -17.14 13.98 -37.82
N GLY C 210 -17.91 14.53 -38.78
CA GLY C 210 -18.81 13.73 -39.58
C GLY C 210 -18.89 14.30 -40.98
N THR C 211 -18.92 13.42 -41.97
CA THR C 211 -19.03 13.83 -43.38
C THR C 211 -19.89 12.79 -44.10
N CYS C 212 -21.11 13.18 -44.48
CA CYS C 212 -22.07 12.23 -45.03
C CYS C 212 -21.75 11.83 -46.46
N GLY C 213 -21.12 12.71 -47.23
CA GLY C 213 -20.89 12.49 -48.63
C GLY C 213 -22.04 12.95 -49.51
N LYS C 214 -23.07 13.55 -48.92
CA LYS C 214 -24.27 13.96 -49.62
C LYS C 214 -24.70 15.32 -49.11
N TYR C 215 -25.34 16.09 -49.98
CA TYR C 215 -25.95 17.36 -49.62
C TYR C 215 -25.00 18.29 -48.87
N GLY C 216 -23.72 18.25 -49.22
CA GLY C 216 -22.78 19.20 -48.64
C GLY C 216 -22.76 19.16 -47.12
N THR C 217 -22.88 17.97 -46.55
CA THR C 217 -23.16 17.82 -45.13
C THR C 217 -21.89 17.42 -44.40
N ALA C 218 -21.47 18.23 -43.44
CA ALA C 218 -20.27 17.96 -42.66
C ALA C 218 -20.39 18.68 -41.33
N ASN C 219 -19.69 18.15 -40.32
CA ASN C 219 -19.82 18.67 -38.98
C ASN C 219 -18.58 18.30 -38.16
N ASP C 220 -18.51 18.89 -36.97
CA ASP C 220 -17.44 18.66 -36.02
C ASP C 220 -17.93 19.12 -34.66
N HIS C 221 -17.58 18.37 -33.63
CA HIS C 221 -17.82 18.80 -32.27
C HIS C 221 -16.62 18.44 -31.41
N ALA C 222 -16.39 19.27 -30.39
CA ALA C 222 -15.12 19.21 -29.67
C ALA C 222 -15.25 19.80 -28.27
N PHE C 223 -14.34 19.36 -27.42
CA PHE C 223 -13.95 20.12 -26.24
C PHE C 223 -12.57 20.69 -26.49
N ILE C 224 -12.34 21.87 -25.91
CA ILE C 224 -11.15 22.67 -26.16
C ILE C 224 -10.60 23.08 -24.81
N LEU C 225 -9.35 22.72 -24.54
CA LEU C 225 -8.67 23.00 -23.29
C LEU C 225 -7.62 24.07 -23.54
N GLN C 226 -7.84 25.26 -22.97
CA GLN C 226 -6.96 26.40 -23.18
C GLN C 226 -5.67 26.25 -22.40
N GLY C 227 -5.67 25.44 -21.36
CA GLY C 227 -4.51 25.26 -20.51
C GLY C 227 -4.71 25.88 -19.13
N ASN C 228 -3.76 25.57 -18.26
CA ASN C 228 -3.79 26.09 -16.90
C ASN C 228 -5.11 25.76 -16.19
N ASN C 229 -5.57 24.51 -16.34
CA ASN C 229 -6.77 24.01 -15.67
C ASN C 229 -8.02 24.79 -16.03
N ALA C 230 -8.03 25.55 -17.13
CA ALA C 230 -9.25 26.23 -17.55
C ALA C 230 -10.32 25.20 -17.86
N ALA C 231 -11.56 25.49 -17.42
CA ALA C 231 -12.69 24.64 -17.79
C ALA C 231 -12.80 24.54 -19.31
N PRO C 232 -13.31 23.41 -19.82
CA PRO C 232 -13.38 23.23 -21.27
C PRO C 232 -14.36 24.20 -21.93
N LEU C 233 -14.03 24.57 -23.15
CA LEU C 233 -15.01 25.11 -24.09
C LEU C 233 -15.58 23.94 -24.87
N ILE C 234 -16.89 23.97 -25.13
CA ILE C 234 -17.56 22.97 -25.95
C ILE C 234 -18.04 23.65 -27.22
N LEU C 235 -17.71 23.06 -28.37
CA LEU C 235 -18.11 23.58 -29.69
C LEU C 235 -18.82 22.50 -30.49
N SER C 236 -19.88 22.88 -31.19
CA SER C 236 -20.65 21.94 -32.00
C SER C 236 -21.09 22.68 -33.26
N ILE C 237 -20.61 22.23 -34.42
CA ILE C 237 -20.86 22.88 -35.72
C ILE C 237 -21.36 21.86 -36.72
N TYR C 238 -22.55 22.09 -37.26
CA TYR C 238 -23.18 21.23 -38.24
C TYR C 238 -23.53 22.05 -39.47
N THR C 239 -23.42 21.42 -40.65
CA THR C 239 -23.70 22.11 -41.90
C THR C 239 -24.35 21.16 -42.89
N THR C 240 -25.09 21.74 -43.84
CA THR C 240 -25.69 21.00 -44.93
C THR C 240 -25.98 22.00 -46.03
N ARG C 241 -26.22 21.48 -47.22
CA ARG C 241 -26.50 22.27 -48.41
C ARG C 241 -27.70 21.69 -49.12
N LYS C 242 -28.20 22.39 -50.14
CA LYS C 242 -29.50 22.01 -50.72
C LYS C 242 -29.39 20.99 -51.85
N GLY C 243 -28.26 20.90 -52.53
CA GLY C 243 -28.10 20.00 -53.65
C GLY C 243 -27.39 18.71 -53.27
N GLU C 244 -27.96 17.59 -53.71
CA GLU C 244 -27.42 16.26 -53.37
C GLU C 244 -25.91 16.19 -53.57
N HIS C 245 -25.41 16.75 -54.67
CA HIS C 245 -24.00 16.61 -55.02
C HIS C 245 -23.16 17.82 -54.65
N MET C 246 -23.73 18.79 -53.96
CA MET C 246 -22.92 19.89 -53.45
C MET C 246 -21.91 19.35 -52.45
N LYS C 247 -20.74 19.97 -52.45
CA LYS C 247 -19.66 19.52 -51.58
C LYS C 247 -19.66 20.32 -50.28
N HIS C 248 -19.27 19.64 -49.20
CA HIS C 248 -19.04 20.32 -47.94
C HIS C 248 -17.77 21.15 -48.03
N ASP C 249 -17.55 21.99 -47.03
CA ASP C 249 -16.36 22.85 -46.95
C ASP C 249 -15.78 22.82 -45.54
N ASP C 250 -14.60 22.22 -45.38
CA ASP C 250 -13.93 22.19 -44.08
C ASP C 250 -13.68 23.60 -43.57
N GLU C 251 -13.31 24.54 -44.45
CA GLU C 251 -12.93 25.85 -43.98
C GLU C 251 -14.12 26.66 -43.46
N VAL C 252 -15.33 26.34 -43.91
CA VAL C 252 -16.52 26.98 -43.33
C VAL C 252 -16.68 26.57 -41.86
N ILE C 253 -16.45 25.31 -41.55
CA ILE C 253 -16.53 24.88 -40.15
C ILE C 253 -15.42 25.56 -39.34
N ALA C 254 -14.22 25.62 -39.89
CA ALA C 254 -13.13 26.29 -39.17
C ALA C 254 -13.44 27.78 -38.95
N LYS C 255 -14.05 28.43 -39.94
CA LYS C 255 -14.42 29.84 -39.79
C LYS C 255 -15.52 30.01 -38.77
N ALA C 256 -16.54 29.15 -38.80
CA ALA C 256 -17.55 29.18 -37.76
C ALA C 256 -16.92 28.94 -36.39
N ALA C 257 -15.95 28.04 -36.33
CA ALA C 257 -15.29 27.77 -35.06
C ALA C 257 -14.57 29.01 -34.52
N ARG C 258 -13.92 29.78 -35.38
CA ARG C 258 -13.21 30.96 -34.91
C ARG C 258 -14.16 31.98 -34.30
N ILE C 259 -15.32 32.17 -34.91
CA ILE C 259 -16.34 33.07 -34.36
C ILE C 259 -16.83 32.56 -33.02
N ALA C 260 -17.24 31.29 -32.96
CA ALA C 260 -17.75 30.74 -31.71
C ALA C 260 -16.74 30.90 -30.57
N ILE C 261 -15.49 30.55 -30.83
CA ILE C 261 -14.46 30.64 -29.79
C ILE C 261 -14.33 32.08 -29.33
N GLU C 262 -14.19 33.01 -30.29
CA GLU C 262 -14.19 34.42 -29.96
C GLU C 262 -15.38 34.81 -29.09
N ASN C 263 -16.55 34.25 -29.35
CA ASN C 263 -17.76 34.65 -28.63
C ASN C 263 -17.99 33.93 -27.31
N VAL C 264 -17.20 32.93 -26.94
CA VAL C 264 -17.36 32.31 -25.63
C VAL C 264 -16.09 32.34 -24.77
N LYS C 265 -14.91 32.57 -25.35
CA LYS C 265 -13.67 32.52 -24.57
C LYS C 265 -13.62 33.61 -23.49
N ASN D 6 -26.54 19.72 -2.07
CA ASN D 6 -25.52 18.73 -2.40
C ASN D 6 -24.14 19.31 -2.13
N MET D 7 -23.10 18.63 -2.60
CA MET D 7 -21.76 19.13 -2.36
C MET D 7 -21.50 20.42 -3.14
N ALA D 8 -21.95 20.50 -4.38
CA ALA D 8 -21.71 21.73 -5.14
C ALA D 8 -22.33 22.94 -4.45
N ASP D 9 -23.49 22.76 -3.81
CA ASP D 9 -24.12 23.88 -3.12
C ASP D 9 -23.39 24.23 -1.82
N ILE D 10 -22.83 23.25 -1.13
CA ILE D 10 -22.00 23.55 0.03
C ILE D 10 -20.80 24.39 -0.40
N GLU D 11 -20.16 23.99 -1.50
CA GLU D 11 -18.99 24.70 -1.96
C GLU D 11 -19.35 26.13 -2.38
N ALA D 12 -20.48 26.29 -3.04
CA ALA D 12 -20.88 27.63 -3.45
C ALA D 12 -21.09 28.54 -2.24
N ALA D 13 -21.78 28.04 -1.21
CA ALA D 13 -22.08 28.83 0.00
C ALA D 13 -20.84 29.12 0.82
N PHE D 14 -19.86 28.22 0.74
CA PHE D 14 -18.56 28.35 1.39
C PHE D 14 -17.70 29.42 0.75
N GLU D 15 -17.97 29.77 -0.51
CA GLU D 15 -17.15 30.72 -1.25
C GLU D 15 -15.69 30.23 -1.30
N GLY D 16 -15.54 29.01 -1.79
CA GLY D 16 -14.23 28.40 -1.86
C GLY D 16 -14.26 27.08 -2.59
N ARG D 17 -13.32 26.20 -2.27
CA ARG D 17 -13.15 24.96 -2.99
C ARG D 17 -13.13 23.83 -1.98
N VAL D 18 -13.89 22.78 -2.26
CA VAL D 18 -13.98 21.60 -1.40
C VAL D 18 -13.56 20.40 -2.22
N GLY D 19 -12.67 19.58 -1.66
CA GLY D 19 -12.28 18.36 -2.31
C GLY D 19 -12.43 17.18 -1.38
N VAL D 20 -13.03 16.10 -1.89
CA VAL D 20 -13.41 14.97 -1.07
C VAL D 20 -13.02 13.68 -1.79
N TYR D 21 -12.37 12.77 -1.08
CA TYR D 21 -12.28 11.39 -1.56
C TYR D 21 -12.64 10.48 -0.40
N ALA D 22 -13.51 9.50 -0.66
CA ALA D 22 -13.84 8.50 0.35
C ALA D 22 -13.83 7.12 -0.29
N ILE D 23 -13.37 6.13 0.47
CA ILE D 23 -13.37 4.74 -0.01
C ILE D 23 -13.76 3.82 1.12
N ASN D 24 -14.71 2.93 0.84
CA ASN D 24 -15.07 1.85 1.75
C ASN D 24 -14.15 0.68 1.43
N THR D 25 -13.23 0.39 2.34
CA THR D 25 -12.23 -0.62 2.01
C THR D 25 -12.74 -2.03 2.24
N GLY D 26 -14.02 -2.21 2.50
CA GLY D 26 -14.65 -3.51 2.48
C GLY D 26 -15.30 -3.78 1.13
N SER D 27 -16.15 -2.87 0.68
CA SER D 27 -16.86 -3.04 -0.58
C SER D 27 -16.14 -2.44 -1.78
N GLY D 28 -15.19 -1.55 -1.56
CA GLY D 28 -14.52 -0.90 -2.66
C GLY D 28 -15.23 0.31 -3.20
N LYS D 29 -16.43 0.61 -2.70
CA LYS D 29 -17.19 1.76 -3.18
C LYS D 29 -16.48 3.06 -2.82
N ALA D 30 -16.33 3.93 -3.81
CA ALA D 30 -15.62 5.19 -3.67
C ALA D 30 -16.52 6.36 -4.02
N TYR D 31 -16.18 7.51 -3.45
CA TYR D 31 -16.85 8.77 -3.74
C TYR D 31 -15.78 9.84 -3.97
N SER D 32 -15.98 10.66 -5.01
CA SER D 32 -15.03 11.69 -5.42
C SER D 32 -15.75 13.00 -5.69
N TYR D 33 -15.17 14.09 -5.19
CA TYR D 33 -15.55 15.45 -5.55
C TYR D 33 -14.26 16.28 -5.55
N ARG D 34 -13.80 16.69 -6.74
CA ARG D 34 -12.48 17.32 -6.88
C ARG D 34 -11.39 16.47 -6.23
N ALA D 35 -11.54 15.16 -6.32
CA ALA D 35 -10.65 14.22 -5.61
C ALA D 35 -9.22 14.29 -6.13
N ASN D 36 -9.02 14.75 -7.38
CA ASN D 36 -7.69 14.81 -7.98
C ASN D 36 -7.15 16.22 -8.12
N GLU D 37 -7.82 17.23 -7.53
CA GLU D 37 -7.28 18.57 -7.45
C GLU D 37 -6.34 18.75 -6.28
N ARG D 38 -5.41 19.69 -6.40
CA ARG D 38 -4.47 19.94 -5.32
C ARG D 38 -5.03 20.93 -4.30
N PHE D 39 -4.71 20.66 -3.04
CA PHE D 39 -5.05 21.49 -1.90
C PHE D 39 -3.85 21.57 -0.97
N PRO D 40 -3.71 22.66 -0.19
CA PRO D 40 -2.65 22.70 0.81
C PRO D 40 -2.82 21.61 1.86
N LEU D 41 -1.69 20.99 2.16
CA LEU D 41 -1.63 19.97 3.20
C LEU D 41 -1.85 20.56 4.58
N CYS D 42 -1.26 21.72 4.84
CA CYS D 42 -1.16 22.29 6.17
C CYS D 42 -0.57 21.21 7.08
N SER D 43 -1.07 21.08 8.31
CA SER D 43 -0.51 20.09 9.22
C SER D 43 -0.89 18.63 8.91
N SER D 44 -1.74 18.33 7.92
CA SER D 44 -2.13 16.95 7.70
C SER D 44 -0.96 16.06 7.34
N PHE D 45 0.16 16.63 6.90
CA PHE D 45 1.32 15.78 6.60
C PHE D 45 1.87 15.16 7.86
N LYS D 46 1.56 15.71 9.02
CA LYS D 46 2.22 15.20 10.22
C LYS D 46 1.85 13.77 10.52
N ALA D 47 0.66 13.34 10.11
CA ALA D 47 0.32 11.93 10.29
C ALA D 47 1.24 11.03 9.47
N PHE D 48 1.57 11.45 8.24
CA PHE D 48 2.51 10.69 7.42
C PHE D 48 3.93 10.81 7.92
N LEU D 49 4.29 11.95 8.53
CA LEU D 49 5.58 12.07 9.18
C LEU D 49 5.70 11.03 10.28
N ALA D 50 4.65 10.87 11.08
CA ALA D 50 4.68 9.89 12.16
C ALA D 50 4.80 8.48 11.59
N ALA D 51 4.11 8.22 10.47
CA ALA D 51 4.21 6.91 9.85
C ALA D 51 5.60 6.65 9.29
N ALA D 52 6.22 7.66 8.69
CA ALA D 52 7.58 7.53 8.19
C ALA D 52 8.54 7.21 9.33
N VAL D 53 8.35 7.86 10.48
CA VAL D 53 9.18 7.54 11.64
C VAL D 53 8.95 6.11 12.11
N LEU D 54 7.69 5.67 12.14
CA LEU D 54 7.42 4.27 12.48
C LEU D 54 8.15 3.33 11.53
N LYS D 55 8.14 3.64 10.24
CA LYS D 55 8.85 2.79 9.28
C LYS D 55 10.36 2.76 9.55
N MET D 56 10.95 3.90 9.93
CA MET D 56 12.37 3.92 10.28
C MET D 56 12.63 2.98 11.46
N ASP D 57 11.75 2.99 12.46
CA ASP D 57 11.89 2.08 13.59
C ASP D 57 11.67 0.61 13.20
N GLN D 58 10.72 0.35 12.29
CA GLN D 58 10.50 -1.01 11.82
C GLN D 58 11.76 -1.57 11.18
N ASP D 59 12.46 -0.72 10.41
CA ASP D 59 13.69 -1.10 9.74
C ASP D 59 14.89 -1.13 10.70
N SER D 60 14.88 -0.31 11.76
CA SER D 60 15.92 -0.32 12.78
C SER D 60 15.27 -0.26 14.16
N PRO D 61 14.89 -1.41 14.71
CA PRO D 61 14.18 -1.42 16.00
C PRO D 61 14.92 -0.64 17.09
N GLY D 62 14.19 0.25 17.75
CA GLY D 62 14.72 1.10 18.79
C GLY D 62 14.75 2.58 18.45
N VAL D 63 14.56 2.95 17.19
CA VAL D 63 14.51 4.37 16.82
C VAL D 63 13.50 5.13 17.67
N LEU D 64 12.33 4.55 17.91
CA LEU D 64 11.26 5.25 18.62
C LEU D 64 11.68 5.60 20.04
N LEU D 65 12.60 4.84 20.61
CA LEU D 65 13.05 5.08 21.97
C LEU D 65 14.29 5.94 22.07
N GLU D 66 14.85 6.42 20.95
CA GLU D 66 16.01 7.30 21.00
C GLU D 66 15.62 8.65 21.58
N LYS D 67 16.50 9.21 22.42
CA LYS D 67 16.26 10.52 23.00
C LYS D 67 16.66 11.62 22.03
N VAL D 68 15.79 12.63 21.93
CA VAL D 68 16.05 13.85 21.16
C VAL D 68 16.19 15.00 22.14
N ASN D 69 17.36 15.63 22.13
CA ASN D 69 17.70 16.74 23.02
C ASN D 69 17.71 18.04 22.21
N TYR D 70 17.14 19.09 22.77
CA TYR D 70 16.98 20.35 22.03
C TYR D 70 16.92 21.53 23.00
N HIS D 71 17.81 21.53 24.01
CA HIS D 71 17.60 22.37 25.20
C HIS D 71 17.53 23.86 24.89
N ASN D 72 18.39 24.36 24.00
CA ASN D 72 18.45 25.80 23.75
C ASN D 72 17.95 26.18 22.38
N ARG D 73 17.10 25.34 21.80
CA ARG D 73 16.48 25.62 20.52
C ARG D 73 15.34 26.61 20.70
N THR D 74 15.19 27.51 19.73
CA THR D 74 14.00 28.34 19.68
C THR D 74 12.82 27.49 19.23
N MET D 75 11.77 27.46 20.04
CA MET D 75 10.63 26.62 19.74
C MET D 75 9.63 27.37 18.87
N GLU D 76 9.13 26.66 17.86
CA GLU D 76 8.17 27.20 16.93
C GLU D 76 6.82 27.45 17.62
N PRO D 77 6.02 28.37 17.10
CA PRO D 77 4.64 28.46 17.55
C PRO D 77 3.91 27.14 17.41
N HIS D 78 2.90 26.98 18.26
CA HIS D 78 2.10 25.77 18.38
C HIS D 78 2.99 24.53 18.57
N SER D 79 3.76 24.58 19.65
CA SER D 79 4.62 23.47 20.09
C SER D 79 4.29 23.09 21.53
N PRO D 80 3.01 22.80 21.82
CA PRO D 80 2.61 22.64 23.23
C PRO D 80 3.35 21.53 23.95
N ILE D 81 3.59 20.41 23.26
CA ILE D 81 4.24 19.28 23.92
C ILE D 81 5.75 19.47 23.96
N THR D 82 6.37 19.81 22.82
CA THR D 82 7.83 19.96 22.84
C THR D 82 8.28 21.15 23.70
N GLU D 83 7.48 22.21 23.81
CA GLU D 83 7.86 23.26 24.75
C GLU D 83 7.83 22.73 26.18
N LYS D 84 6.81 21.94 26.50
CA LYS D 84 6.64 21.45 27.87
C LYS D 84 7.81 20.59 28.31
N PHE D 85 8.34 19.77 27.41
CA PHE D 85 9.38 18.80 27.74
C PHE D 85 10.78 19.20 27.29
N GLN D 86 10.99 20.47 26.92
CA GLN D 86 12.29 20.87 26.38
C GLN D 86 13.43 20.67 27.37
N SER D 87 13.18 20.77 28.66
CA SER D 87 14.30 20.70 29.60
C SER D 87 14.94 19.33 29.61
N GLN D 88 14.18 18.26 29.42
CA GLN D 88 14.75 16.92 29.54
C GLN D 88 14.64 16.12 28.25
N GLY D 89 14.19 16.75 27.16
CA GLY D 89 14.14 16.08 25.88
C GLY D 89 12.96 15.13 25.76
N MET D 90 12.84 14.53 24.57
CA MET D 90 11.73 13.64 24.30
C MET D 90 12.23 12.50 23.44
N ALA D 91 11.57 11.36 23.58
CA ALA D 91 11.86 10.22 22.73
C ALA D 91 11.28 10.46 21.36
N VAL D 92 11.90 9.83 20.35
CA VAL D 92 11.42 9.92 18.97
C VAL D 92 9.92 9.60 18.91
N GLY D 93 9.52 8.49 19.52
CA GLY D 93 8.13 8.10 19.53
C GLY D 93 7.22 9.13 20.17
N GLU D 94 7.69 9.80 21.22
CA GLU D 94 6.88 10.83 21.85
C GLU D 94 6.74 12.03 20.93
N LEU D 95 7.81 12.37 20.21
CA LEU D 95 7.72 13.42 19.18
C LEU D 95 6.72 13.08 18.11
N ALA D 96 6.76 11.83 17.62
CA ALA D 96 5.80 11.43 16.58
C ALA D 96 4.38 11.50 17.10
N ALA D 97 4.15 11.00 18.31
CA ALA D 97 2.80 11.11 18.87
C ALA D 97 2.37 12.57 19.02
N ALA D 98 3.29 13.43 19.46
CA ALA D 98 2.93 14.83 19.70
C ALA D 98 2.63 15.55 18.39
N THR D 99 3.43 15.31 17.36
CA THR D 99 3.17 16.03 16.09
C THR D 99 1.86 15.57 15.48
N LEU D 100 1.48 14.31 15.67
CA LEU D 100 0.20 13.85 15.16
C LEU D 100 -0.96 14.33 16.02
N GLN D 101 -0.94 14.05 17.33
CA GLN D 101 -2.13 14.24 18.14
C GLN D 101 -2.34 15.67 18.60
N TYR D 102 -1.28 16.46 18.66
CA TYR D 102 -1.38 17.87 19.00
C TYR D 102 -0.88 18.77 17.89
N SER D 103 -0.52 18.20 16.74
CA SER D 103 -0.05 19.01 15.60
C SER D 103 1.18 19.83 15.98
N ASP D 104 1.99 19.29 16.88
CA ASP D 104 3.11 20.01 17.44
C ASP D 104 4.14 20.38 16.37
N ASN D 105 4.41 21.68 16.22
CA ASN D 105 5.31 22.11 15.15
C ASN D 105 6.78 21.83 15.45
N GLY D 106 7.20 22.10 16.68
CA GLY D 106 8.55 21.75 17.05
C GLY D 106 8.83 20.28 16.83
N ALA D 107 7.84 19.43 17.10
CA ALA D 107 8.07 18.00 16.93
C ALA D 107 8.27 17.65 15.47
N ALA D 108 7.43 18.22 14.60
CA ALA D 108 7.55 18.00 13.16
C ALA D 108 8.93 18.41 12.66
N ASN D 109 9.36 19.62 13.01
CA ASN D 109 10.65 20.11 12.49
C ASN D 109 11.80 19.32 13.09
N LEU D 110 11.72 18.94 14.37
CA LEU D 110 12.77 18.11 14.96
C LEU D 110 12.88 16.77 14.25
N LEU D 111 11.75 16.10 14.01
CA LEU D 111 11.78 14.81 13.34
C LEU D 111 12.34 14.94 11.93
N MET D 112 12.05 16.04 11.25
CA MET D 112 12.58 16.21 9.90
C MET D 112 14.02 16.74 9.90
N GLU D 113 14.48 17.32 11.01
CA GLU D 113 15.87 17.73 11.15
C GLU D 113 16.77 16.53 11.41
N LYS D 114 16.28 15.56 12.17
CA LYS D 114 17.16 14.58 12.77
C LYS D 114 16.93 13.16 12.30
N TYR D 115 15.77 12.84 11.71
CA TYR D 115 15.45 11.49 11.28
C TYR D 115 15.01 11.40 9.83
N ILE D 116 14.02 12.21 9.42
CA ILE D 116 13.43 12.04 8.09
C ILE D 116 14.14 12.78 6.96
N LYS D 117 15.05 13.70 7.25
CA LYS D 117 15.84 14.34 6.17
C LYS D 117 15.02 15.39 5.44
N GLY D 118 14.33 16.22 6.21
CA GLY D 118 13.69 17.39 5.68
C GLY D 118 12.47 17.12 4.84
N PRO D 119 11.86 18.21 4.33
CA PRO D 119 10.71 18.04 3.45
C PRO D 119 11.00 17.14 2.27
N GLU D 120 12.21 17.24 1.72
CA GLU D 120 12.60 16.37 0.62
C GLU D 120 12.51 14.91 1.03
N GLY D 121 12.95 14.60 2.27
CA GLY D 121 12.86 13.23 2.73
C GLY D 121 11.44 12.79 3.02
N MET D 122 10.63 13.70 3.56
CA MET D 122 9.21 13.41 3.74
C MET D 122 8.57 13.06 2.39
N THR D 123 8.84 13.89 1.38
CA THR D 123 8.30 13.62 0.06
C THR D 123 8.81 12.28 -0.46
N GLN D 124 10.10 11.98 -0.24
CA GLN D 124 10.66 10.72 -0.72
C GLN D 124 9.98 9.53 -0.06
N PHE D 125 9.66 9.63 1.23
CA PHE D 125 8.95 8.53 1.86
C PHE D 125 7.60 8.30 1.18
N MET D 126 6.86 9.38 0.94
CA MET D 126 5.57 9.24 0.29
C MET D 126 5.71 8.67 -1.12
N ASN D 127 6.69 9.17 -1.87
CA ASN D 127 6.95 8.57 -3.18
C ASN D 127 7.24 7.09 -3.03
N SER D 128 8.01 6.73 -2.01
CA SER D 128 8.43 5.33 -1.84
C SER D 128 7.24 4.42 -1.61
N ILE D 129 6.13 4.95 -1.06
CA ILE D 129 4.97 4.11 -0.82
C ILE D 129 3.95 4.23 -1.94
N GLY D 130 4.30 4.92 -3.03
CA GLY D 130 3.48 4.94 -4.22
C GLY D 130 2.62 6.16 -4.38
N ASP D 131 2.90 7.21 -3.62
CA ASP D 131 2.16 8.46 -3.71
C ASP D 131 2.94 9.40 -4.62
N THR D 132 2.40 9.67 -5.81
CA THR D 132 3.03 10.57 -6.77
C THR D 132 2.45 11.99 -6.73
N LYS D 133 1.51 12.29 -5.83
CA LYS D 133 0.93 13.61 -5.70
C LYS D 133 1.53 14.42 -4.56
N PHE D 134 1.83 13.77 -3.45
CA PHE D 134 2.30 14.45 -2.26
C PHE D 134 3.59 15.19 -2.56
N ARG D 135 3.67 16.44 -2.13
CA ARG D 135 4.93 17.16 -2.07
C ARG D 135 4.97 18.06 -0.84
N LEU D 136 5.97 17.86 0.01
CA LEU D 136 6.30 18.83 1.02
C LEU D 136 7.57 19.52 0.57
N ASP D 137 7.54 20.83 0.57
CA ASP D 137 8.60 21.66 0.06
C ASP D 137 9.24 22.54 1.11
N ARG D 138 8.52 22.89 2.18
CA ARG D 138 9.00 23.83 3.17
C ARG D 138 8.79 23.22 4.55
N TRP D 139 9.42 23.88 5.50
CA TRP D 139 9.39 23.53 6.92
C TRP D 139 8.19 24.18 7.59
N GLU D 140 7.89 23.77 8.81
CA GLU D 140 6.95 24.54 9.61
C GLU D 140 7.61 25.84 10.04
N LEU D 141 6.90 26.98 9.92
CA LEU D 141 5.50 27.12 9.51
C LEU D 141 5.39 27.71 8.11
N ASP D 142 6.54 27.86 7.42
CA ASP D 142 6.52 28.35 6.03
C ASP D 142 5.53 27.62 5.14
N LEU D 143 5.32 26.34 5.40
CA LEU D 143 4.50 25.53 4.50
C LEU D 143 3.01 25.90 4.53
N ASN D 144 2.58 26.84 5.38
CA ASN D 144 1.17 27.11 5.55
C ASN D 144 0.66 28.30 4.73
N SER D 145 1.44 28.81 3.79
CA SER D 145 1.02 30.05 3.11
C SER D 145 -0.27 29.86 2.31
N ALA D 146 -0.48 28.68 1.70
CA ALA D 146 -1.77 28.26 1.12
C ALA D 146 -2.22 29.20 -0.01
N ILE D 147 -1.27 29.66 -0.79
CA ILE D 147 -1.55 30.61 -1.87
C ILE D 147 -2.28 29.88 -2.99
N PRO D 148 -3.47 30.33 -3.41
CA PRO D 148 -4.17 29.63 -4.49
C PRO D 148 -3.31 29.57 -5.74
N GLY D 149 -3.26 28.39 -6.35
CA GLY D 149 -2.41 28.10 -7.50
C GLY D 149 -1.06 27.51 -7.16
N ASP D 150 -0.51 27.90 -6.01
CA ASP D 150 0.79 27.41 -5.54
C ASP D 150 0.67 25.92 -5.21
N GLU D 151 1.55 25.10 -5.78
CA GLU D 151 1.50 23.67 -5.57
C GLU D 151 2.51 23.20 -4.54
N ARG D 152 3.35 24.11 -4.03
CA ARG D 152 4.20 23.77 -2.89
C ARG D 152 3.34 23.25 -1.75
N ASP D 153 3.81 22.19 -1.09
CA ASP D 153 3.18 21.72 0.16
C ASP D 153 1.72 21.36 -0.06
N THR D 154 1.45 20.58 -1.11
CA THR D 154 0.10 20.18 -1.49
C THR D 154 0.05 18.68 -1.77
N SER D 155 -1.16 18.13 -1.73
CA SER D 155 -1.48 16.83 -2.30
C SER D 155 -2.93 16.89 -2.76
N THR D 156 -3.49 15.75 -3.11
CA THR D 156 -4.85 15.62 -3.54
C THR D 156 -5.64 14.83 -2.53
N PRO D 157 -6.96 15.06 -2.43
CA PRO D 157 -7.73 14.30 -1.45
C PRO D 157 -7.59 12.81 -1.63
N LYS D 158 -7.61 12.35 -2.89
CA LYS D 158 -7.52 10.92 -3.15
C LYS D 158 -6.16 10.36 -2.78
N ALA D 159 -5.08 11.10 -3.08
CA ALA D 159 -3.76 10.59 -2.80
C ALA D 159 -3.56 10.42 -1.30
N VAL D 160 -4.09 11.38 -0.53
CA VAL D 160 -3.99 11.31 0.92
C VAL D 160 -4.76 10.08 1.44
N ALA D 161 -5.99 9.88 0.96
CA ALA D 161 -6.76 8.71 1.34
C ALA D 161 -6.05 7.41 0.92
N GLU D 162 -5.50 7.36 -0.29
CA GLU D 162 -4.84 6.14 -0.73
C GLU D 162 -3.64 5.81 0.14
N SER D 163 -2.86 6.84 0.49
CA SER D 163 -1.68 6.61 1.31
C SER D 163 -2.09 6.19 2.73
N LEU D 164 -3.10 6.84 3.29
CA LEU D 164 -3.57 6.38 4.60
C LEU D 164 -4.02 4.92 4.52
N ASN D 165 -4.78 4.57 3.49
CA ASN D 165 -5.21 3.18 3.37
C ASN D 165 -4.02 2.21 3.34
N LYS D 166 -2.96 2.57 2.62
CA LYS D 166 -1.79 1.70 2.55
C LYS D 166 -1.16 1.55 3.94
N LEU D 167 -1.11 2.65 4.70
CA LEU D 167 -0.48 2.60 6.00
C LEU D 167 -1.23 1.77 7.02
N ILE D 168 -2.50 1.42 6.77
CA ILE D 168 -3.24 0.56 7.68
C ILE D 168 -3.67 -0.76 7.04
N SER D 169 -3.22 -1.04 5.81
CA SER D 169 -3.63 -2.27 5.13
C SER D 169 -2.45 -3.20 4.79
N ASN D 170 -1.39 -3.14 5.60
CA ASN D 170 -0.27 -4.09 5.59
C ASN D 170 0.54 -4.06 4.31
N THR D 171 0.70 -2.87 3.72
CA THR D 171 1.58 -2.66 2.58
C THR D 171 2.82 -1.85 2.89
N VAL D 172 2.93 -1.23 4.07
CA VAL D 172 4.08 -0.41 4.42
C VAL D 172 4.56 -0.78 5.82
N LEU D 173 3.66 -0.65 6.78
CA LEU D 173 3.96 -0.90 8.17
C LEU D 173 3.53 -2.30 8.53
N ASP D 174 4.30 -2.97 9.40
CA ASP D 174 3.90 -4.28 9.88
C ASP D 174 2.84 -4.13 10.97
N ASN D 175 2.32 -5.26 11.48
CA ASN D 175 1.17 -5.16 12.38
C ASN D 175 1.50 -4.35 13.63
N TYR D 176 2.69 -4.56 14.19
CA TYR D 176 3.08 -3.81 15.39
C TYR D 176 3.04 -2.31 15.12
N HIS D 177 3.63 -1.89 14.02
CA HIS D 177 3.73 -0.47 13.75
C HIS D 177 2.40 0.09 13.30
N GLN D 178 1.57 -0.70 12.62
CA GLN D 178 0.22 -0.24 12.28
C GLN D 178 -0.61 -0.02 13.53
N GLU D 179 -0.45 -0.88 14.53
CA GLU D 179 -1.23 -0.72 15.74
C GLU D 179 -0.85 0.56 16.47
N ILE D 180 0.44 0.88 16.53
CA ILE D 180 0.83 2.14 17.15
C ILE D 180 0.28 3.31 16.34
N PHE D 181 0.38 3.24 15.03
CA PHE D 181 -0.12 4.34 14.21
C PHE D 181 -1.61 4.58 14.45
N LYS D 182 -2.40 3.51 14.39
CA LYS D 182 -3.84 3.62 14.57
C LYS D 182 -4.17 4.19 15.94
N LYS D 183 -3.45 3.74 16.97
CA LYS D 183 -3.64 4.27 18.32
C LYS D 183 -3.42 5.77 18.36
N TRP D 184 -2.34 6.24 17.73
CA TRP D 184 -2.06 7.67 17.68
C TRP D 184 -3.19 8.40 16.97
N MET D 185 -3.65 7.85 15.84
CA MET D 185 -4.68 8.54 15.09
C MET D 185 -5.98 8.61 15.88
N ILE D 186 -6.32 7.53 16.59
CA ILE D 186 -7.57 7.51 17.34
C ILE D 186 -7.49 8.51 18.49
N GLY D 187 -6.30 8.70 19.01
CA GLY D 187 -6.01 9.64 20.09
C GLY D 187 -5.80 11.07 19.65
N ASN D 188 -6.03 11.40 18.38
CA ASN D 188 -5.90 12.79 17.97
C ASN D 188 -6.87 13.66 18.75
N THR D 189 -6.40 14.84 19.13
CA THR D 189 -7.19 15.75 19.95
C THR D 189 -7.80 16.92 19.20
N THR D 190 -7.47 17.11 17.93
CA THR D 190 -7.84 18.33 17.21
C THR D 190 -8.99 18.17 16.23
N GLY D 191 -9.60 17.00 16.12
CA GLY D 191 -10.57 16.76 15.07
C GLY D 191 -12.01 16.65 15.53
N ASP D 192 -12.31 17.11 16.75
CA ASP D 192 -13.64 16.87 17.31
C ASP D 192 -14.73 17.53 16.50
N ASN D 193 -14.44 18.62 15.79
CA ASN D 193 -15.44 19.36 15.04
C ASN D 193 -15.40 19.10 13.54
N ARG D 194 -14.64 18.10 13.09
CA ARG D 194 -14.53 17.83 11.66
C ARG D 194 -15.13 16.45 11.40
N ILE D 195 -14.34 15.49 10.92
CA ILE D 195 -14.94 14.21 10.54
C ILE D 195 -15.62 13.56 11.74
N ARG D 196 -15.03 13.69 12.92
CA ARG D 196 -15.64 13.10 14.12
C ARG D 196 -17.05 13.65 14.39
N ALA D 197 -17.33 14.87 13.96
CA ALA D 197 -18.66 15.44 14.15
C ALA D 197 -19.70 14.86 13.19
N ALA D 198 -19.27 14.05 12.23
CA ALA D 198 -20.14 13.53 11.19
C ALA D 198 -20.44 12.05 11.38
N VAL D 199 -20.04 11.45 12.49
CA VAL D 199 -20.26 10.01 12.67
C VAL D 199 -21.13 9.77 13.89
N PRO D 200 -21.95 8.72 13.87
CA PRO D 200 -22.72 8.35 15.07
C PRO D 200 -21.80 8.00 16.22
N ASP D 201 -22.29 8.23 17.44
CA ASP D 201 -21.54 7.80 18.61
C ASP D 201 -21.37 6.29 18.54
N GLY D 202 -20.21 5.83 18.96
CA GLY D 202 -19.92 4.40 18.91
C GLY D 202 -18.93 4.07 17.82
N TRP D 203 -19.01 4.75 16.68
CA TRP D 203 -18.00 4.58 15.66
C TRP D 203 -16.66 5.10 16.15
N VAL D 204 -15.59 4.39 15.82
CA VAL D 204 -14.24 4.80 16.18
C VAL D 204 -13.62 5.52 14.99
N VAL D 205 -12.99 6.66 15.27
CA VAL D 205 -12.36 7.47 14.25
C VAL D 205 -10.91 7.75 14.62
N GLY D 206 -10.00 7.48 13.69
CA GLY D 206 -8.63 7.99 13.75
C GLY D 206 -8.45 9.03 12.66
N ASP D 207 -7.95 10.20 13.03
CA ASP D 207 -7.86 11.31 12.07
C ASP D 207 -6.65 12.22 12.34
N LYS D 208 -6.28 12.98 11.30
CA LYS D 208 -5.35 14.09 11.44
C LYS D 208 -5.89 15.30 10.69
N THR D 209 -5.95 16.42 11.39
CA THR D 209 -6.41 17.68 10.81
C THR D 209 -5.28 18.51 10.24
N GLY D 210 -5.66 19.47 9.41
CA GLY D 210 -4.77 20.54 9.01
C GLY D 210 -5.51 21.86 8.95
N THR D 211 -4.86 22.92 9.42
CA THR D 211 -5.41 24.28 9.37
C THR D 211 -4.27 25.25 9.11
N CYS D 212 -4.21 25.80 7.90
CA CYS D 212 -3.05 26.61 7.53
C CYS D 212 -3.04 27.97 8.25
N GLY D 213 -4.21 28.54 8.52
CA GLY D 213 -4.27 29.89 9.05
C GLY D 213 -4.35 30.95 7.97
N LYS D 214 -4.36 30.55 6.71
CA LYS D 214 -4.39 31.44 5.55
C LYS D 214 -5.36 30.89 4.53
N TYR D 215 -6.08 31.78 3.84
CA TYR D 215 -7.01 31.41 2.77
C TYR D 215 -8.09 30.43 3.24
N GLY D 216 -8.48 30.53 4.50
CA GLY D 216 -9.55 29.67 5.03
C GLY D 216 -9.31 28.21 4.77
N THR D 217 -8.06 27.77 4.85
CA THR D 217 -7.66 26.44 4.41
C THR D 217 -7.64 25.49 5.59
N ALA D 218 -8.37 24.38 5.46
CA ALA D 218 -8.51 23.39 6.53
C ALA D 218 -8.87 22.06 5.92
N ASN D 219 -8.48 20.99 6.60
CA ASN D 219 -8.72 19.68 6.04
C ASN D 219 -8.75 18.68 7.20
N ASP D 220 -9.14 17.45 6.88
CA ASP D 220 -9.13 16.35 7.83
C ASP D 220 -9.09 15.07 7.00
N HIS D 221 -8.37 14.07 7.46
CA HIS D 221 -8.45 12.75 6.84
C HIS D 221 -8.47 11.73 7.97
N ALA D 222 -9.15 10.63 7.70
CA ALA D 222 -9.50 9.70 8.76
C ALA D 222 -9.73 8.31 8.23
N PHE D 223 -9.52 7.34 9.12
CA PHE D 223 -10.17 6.05 9.00
C PHE D 223 -11.32 5.96 10.02
N ILE D 224 -12.35 5.21 9.65
CA ILE D 224 -13.60 5.18 10.38
C ILE D 224 -14.03 3.73 10.54
N LEU D 225 -14.24 3.30 11.78
CA LEU D 225 -14.61 1.93 12.13
C LEU D 225 -16.05 1.93 12.61
N GLN D 226 -16.95 1.36 11.82
CA GLN D 226 -18.36 1.37 12.15
C GLN D 226 -18.74 0.37 13.24
N GLY D 227 -17.87 -0.58 13.54
CA GLY D 227 -18.18 -1.63 14.49
C GLY D 227 -18.63 -2.90 13.77
N ASN D 228 -18.78 -3.96 14.57
CA ASN D 228 -19.02 -5.31 14.03
C ASN D 228 -17.91 -5.72 13.07
N ASN D 229 -16.70 -5.24 13.33
CA ASN D 229 -15.50 -5.65 12.58
C ASN D 229 -15.58 -5.27 11.10
N ALA D 230 -16.37 -4.25 10.76
CA ALA D 230 -16.44 -3.79 9.39
C ALA D 230 -15.11 -3.20 8.95
N ALA D 231 -14.79 -3.35 7.67
CA ALA D 231 -13.56 -2.77 7.16
C ALA D 231 -13.63 -1.25 7.25
N PRO D 232 -12.50 -0.57 7.48
CA PRO D 232 -12.56 0.89 7.66
C PRO D 232 -13.04 1.63 6.43
N LEU D 233 -13.78 2.71 6.66
CA LEU D 233 -13.97 3.74 5.66
C LEU D 233 -12.80 4.71 5.74
N ILE D 234 -12.30 5.15 4.60
CA ILE D 234 -11.24 6.16 4.56
C ILE D 234 -11.84 7.42 3.96
N LEU D 235 -11.65 8.54 4.65
CA LEU D 235 -12.27 9.80 4.24
C LEU D 235 -11.20 10.88 4.24
N SER D 236 -11.17 11.70 3.19
CA SER D 236 -10.15 12.71 3.02
C SER D 236 -10.83 13.97 2.49
N ILE D 237 -10.76 15.08 3.23
CA ILE D 237 -11.55 16.27 2.92
C ILE D 237 -10.63 17.48 3.04
N TYR D 238 -10.52 18.24 1.96
CA TYR D 238 -9.60 19.36 1.86
C TYR D 238 -10.39 20.57 1.38
N THR D 239 -10.13 21.71 1.99
CA THR D 239 -10.84 22.94 1.63
C THR D 239 -9.89 24.13 1.61
N THR D 240 -10.26 25.14 0.82
CA THR D 240 -9.56 26.41 0.83
C THR D 240 -10.52 27.44 0.25
N ARG D 241 -10.21 28.70 0.49
CA ARG D 241 -11.09 29.82 0.12
C ARG D 241 -10.30 30.84 -0.69
N LYS D 242 -11.03 31.86 -1.18
CA LYS D 242 -10.43 32.73 -2.17
C LYS D 242 -9.57 33.84 -1.56
N GLY D 243 -9.93 34.33 -0.37
CA GLY D 243 -9.26 35.48 0.23
C GLY D 243 -8.28 35.09 1.32
N GLU D 244 -7.11 35.74 1.31
CA GLU D 244 -6.03 35.39 2.23
C GLU D 244 -6.49 35.40 3.68
N HIS D 245 -7.41 36.30 4.03
CA HIS D 245 -7.75 36.52 5.42
C HIS D 245 -9.09 35.90 5.83
N MET D 246 -9.74 35.17 4.91
CA MET D 246 -10.93 34.41 5.25
C MET D 246 -10.59 33.28 6.21
N LYS D 247 -11.55 32.93 7.06
CA LYS D 247 -11.36 31.86 8.04
C LYS D 247 -11.88 30.55 7.47
N HIS D 248 -11.35 29.44 8.01
CA HIS D 248 -11.85 28.14 7.63
C HIS D 248 -13.20 27.90 8.28
N ASP D 249 -13.90 26.86 7.82
CA ASP D 249 -15.19 26.48 8.40
C ASP D 249 -15.21 24.99 8.72
N ASP D 250 -15.17 24.67 10.02
CA ASP D 250 -15.24 23.27 10.42
C ASP D 250 -16.54 22.63 9.99
N GLU D 251 -17.65 23.37 9.99
CA GLU D 251 -18.92 22.75 9.65
C GLU D 251 -18.98 22.33 8.19
N VAL D 252 -18.28 23.03 7.30
CA VAL D 252 -18.25 22.61 5.91
C VAL D 252 -17.59 21.24 5.80
N ILE D 253 -16.51 21.03 6.54
CA ILE D 253 -15.83 19.73 6.53
C ILE D 253 -16.76 18.65 7.09
N ALA D 254 -17.43 18.94 8.19
CA ALA D 254 -18.39 17.99 8.74
C ALA D 254 -19.53 17.69 7.78
N LYS D 255 -20.07 18.70 7.10
CA LYS D 255 -21.14 18.45 6.15
C LYS D 255 -20.67 17.58 5.02
N ALA D 256 -19.48 17.87 4.50
CA ALA D 256 -18.92 17.07 3.42
C ALA D 256 -18.70 15.64 3.86
N ALA D 257 -18.24 15.47 5.10
CA ALA D 257 -18.02 14.13 5.63
C ALA D 257 -19.31 13.33 5.69
N ARG D 258 -20.42 13.95 6.09
CA ARG D 258 -21.69 13.24 6.18
C ARG D 258 -22.13 12.74 4.82
N ILE D 259 -22.00 13.59 3.79
CA ILE D 259 -22.34 13.18 2.44
C ILE D 259 -21.44 12.04 1.99
N ALA D 260 -20.13 12.19 2.18
CA ALA D 260 -19.18 11.18 1.73
C ALA D 260 -19.46 9.84 2.37
N ILE D 261 -19.71 9.83 3.69
CA ILE D 261 -20.06 8.60 4.38
C ILE D 261 -21.30 7.98 3.75
N GLU D 262 -22.36 8.78 3.52
CA GLU D 262 -23.56 8.23 2.91
C GLU D 262 -23.24 7.60 1.56
N ASN D 263 -22.29 8.15 0.82
CA ASN D 263 -22.05 7.68 -0.52
C ASN D 263 -21.10 6.47 -0.61
N VAL D 264 -20.51 6.01 0.50
CA VAL D 264 -19.65 4.83 0.43
C VAL D 264 -20.01 3.75 1.45
N LYS D 265 -20.82 4.06 2.46
CA LYS D 265 -21.09 3.10 3.53
C LYS D 265 -21.95 1.96 2.97
#